data_3HQ0
#
_entry.id   3HQ0
#
_cell.length_a   95.900
_cell.length_b   97.400
_cell.length_c   133.500
_cell.angle_alpha   90.000
_cell.angle_beta   90.000
_cell.angle_gamma   90.000
#
_symmetry.space_group_name_H-M   'P 21 21 21'
#
loop_
_entity.id
_entity.type
_entity.pdbx_description
1 polymer 'Catechol 2,3-dioxygenase'
2 non-polymer 'FE (III) ION'
3 non-polymer '(2E,4E)-2-hydroxy-6-oxohepta-2,4-dienoic acid'
4 water water
#
_entity_poly.entity_id   1
_entity_poly.type   'polypeptide(L)'
_entity_poly.pdbx_seq_one_letter_code
;MAMTGVLRPGHAQVRVLNLEEGIHFYRNVLGLVETGRDDQGRVYFKCWDERDHSCYIIREADTAGIDFFGFKVLDKATLE
KLDADLQAYGLTTTRIPAGEMLETGERVRFELPSGHLIELYAEKTCVGNGISEVNPAPWNAQREHGIAPIQLDHCLLYGP
NIAEVQKIFTEVLGFYLVERVLSPDGDSDMGIWLSCSHKVHDIAFVEYPEKGKLHHCSFLLESWEQVLRAGDIMSMNEVN
VDIGPTRHGVTRGCTIYAWDPSGNRFETFMGGYHPYPDYEPLSWTYDNFAQGLDYPQRKLHETFMTVVT
;
_entity_poly.pdbx_strand_id   A,B,C,D
#
loop_
_chem_comp.id
_chem_comp.type
_chem_comp.name
_chem_comp.formula
FE non-polymer 'FE (III) ION' 'Fe 3'
M3P non-polymer '(2E,4E)-2-hydroxy-6-oxohepta-2,4-dienoic acid' 'C7 H8 O4'
#
# COMPACT_ATOMS: atom_id res chain seq x y z
N ALA A 2 -16.87 15.90 -21.48
CA ALA A 2 -15.96 15.51 -22.61
C ALA A 2 -14.61 16.19 -22.53
N MET A 3 -13.56 15.46 -22.93
CA MET A 3 -12.20 16.01 -22.98
C MET A 3 -12.08 16.53 -24.42
N THR A 4 -11.79 17.82 -24.55
CA THR A 4 -11.70 18.45 -25.86
C THR A 4 -10.48 19.37 -25.94
N GLY A 5 -10.28 20.01 -27.10
CA GLY A 5 -9.15 20.91 -27.27
C GLY A 5 -7.83 20.17 -27.01
N VAL A 6 -7.02 20.68 -26.09
CA VAL A 6 -5.75 20.03 -25.77
C VAL A 6 -6.06 18.91 -24.79
N LEU A 7 -5.66 17.69 -25.14
CA LEU A 7 -5.94 16.54 -24.30
C LEU A 7 -4.96 16.20 -23.20
N ARG A 8 -3.68 16.14 -23.54
CA ARG A 8 -2.68 15.73 -22.57
C ARG A 8 -1.22 15.94 -23.01
N PRO A 9 -0.28 15.83 -22.07
CA PRO A 9 1.12 16.00 -22.47
C PRO A 9 1.32 14.90 -23.51
N GLY A 10 1.93 15.23 -24.64
CA GLY A 10 2.14 14.25 -25.69
C GLY A 10 3.56 13.75 -25.79
N HIS A 11 4.51 14.66 -25.67
CA HIS A 11 5.91 14.27 -25.70
C HIS A 11 6.83 15.36 -25.22
N ALA A 12 8.01 14.95 -24.79
CA ALA A 12 9.04 15.86 -24.31
C ALA A 12 10.34 15.39 -24.92
N GLN A 13 11.03 16.27 -25.63
CA GLN A 13 12.31 15.90 -26.23
C GLN A 13 13.37 16.53 -25.36
N VAL A 14 14.17 15.67 -24.73
CA VAL A 14 15.21 16.09 -23.82
C VAL A 14 16.57 15.79 -24.40
N ARG A 15 17.55 16.61 -24.03
CA ARG A 15 18.92 16.48 -24.49
C ARG A 15 19.78 15.71 -23.49
N VAL A 16 20.48 14.70 -23.98
CA VAL A 16 21.37 13.91 -23.13
C VAL A 16 22.82 14.02 -23.64
N LEU A 17 23.77 14.19 -22.73
CA LEU A 17 25.18 14.32 -23.10
C LEU A 17 25.78 13.10 -23.78
N ASN A 18 25.25 11.93 -23.47
CA ASN A 18 25.73 10.68 -24.07
C ASN A 18 24.53 9.85 -24.46
N LEU A 19 24.26 9.77 -25.76
CA LEU A 19 23.13 9.02 -26.26
C LEU A 19 23.07 7.57 -25.81
N GLU A 20 24.22 6.92 -25.71
CA GLU A 20 24.25 5.52 -25.32
C GLU A 20 23.83 5.27 -23.87
N GLU A 21 24.50 5.91 -22.93
CA GLU A 21 24.16 5.72 -21.54
C GLU A 21 22.73 6.22 -21.29
N GLY A 22 22.27 7.13 -22.14
CA GLY A 22 20.92 7.65 -22.00
C GLY A 22 19.88 6.61 -22.34
N ILE A 23 20.19 5.75 -23.31
CA ILE A 23 19.27 4.71 -23.74
C ILE A 23 19.15 3.62 -22.68
N HIS A 24 20.29 3.27 -22.09
CA HIS A 24 20.34 2.23 -21.05
C HIS A 24 19.63 2.70 -19.79
N PHE A 25 19.83 3.95 -19.42
CA PHE A 25 19.20 4.49 -18.24
C PHE A 25 17.68 4.56 -18.42
N TYR A 26 17.22 5.01 -19.58
CA TYR A 26 15.79 5.12 -19.82
C TYR A 26 15.05 3.83 -20.12
N ARG A 27 15.74 2.80 -20.60
CA ARG A 27 15.08 1.54 -20.89
C ARG A 27 15.24 0.53 -19.75
N ASN A 28 16.33 0.63 -19.00
CA ASN A 28 16.64 -0.30 -17.91
C ASN A 28 16.37 0.21 -16.50
N VAL A 29 16.61 1.48 -16.25
CA VAL A 29 16.36 2.03 -14.93
C VAL A 29 14.94 2.58 -14.83
N LEU A 30 14.62 3.59 -15.65
CA LEU A 30 13.28 4.15 -15.59
C LEU A 30 12.26 3.14 -16.13
N GLY A 31 12.68 2.28 -17.04
CA GLY A 31 11.76 1.30 -17.57
C GLY A 31 10.79 1.82 -18.62
N LEU A 32 11.26 2.70 -19.48
CA LEU A 32 10.43 3.22 -20.56
C LEU A 32 10.61 2.21 -21.71
N VAL A 33 9.62 2.15 -22.59
CA VAL A 33 9.67 1.22 -23.74
C VAL A 33 10.19 1.92 -24.99
N GLU A 34 11.28 1.38 -25.54
CA GLU A 34 11.87 1.94 -26.75
C GLU A 34 10.97 1.57 -27.92
N THR A 35 10.63 2.55 -28.75
CA THR A 35 9.75 2.29 -29.87
C THR A 35 10.35 2.65 -31.23
N GLY A 36 11.54 3.26 -31.22
CA GLY A 36 12.17 3.61 -32.48
C GLY A 36 13.40 4.47 -32.35
N ARG A 37 14.09 4.66 -33.48
CA ARG A 37 15.29 5.48 -33.57
C ARG A 37 15.34 6.01 -35.01
N ASP A 38 15.29 7.32 -35.17
CA ASP A 38 15.29 7.93 -36.50
C ASP A 38 16.66 8.26 -37.08
N ASP A 39 16.65 8.74 -38.32
CA ASP A 39 17.89 9.08 -39.03
C ASP A 39 18.73 10.11 -38.29
N GLN A 40 18.07 11.09 -37.67
CA GLN A 40 18.76 12.14 -36.93
C GLN A 40 19.52 11.65 -35.71
N GLY A 41 19.26 10.42 -35.28
CA GLY A 41 19.93 9.88 -34.12
C GLY A 41 19.13 9.96 -32.82
N ARG A 42 17.83 10.22 -32.94
CA ARG A 42 16.97 10.31 -31.77
C ARG A 42 16.38 8.95 -31.44
N VAL A 43 16.21 8.69 -30.14
CA VAL A 43 15.64 7.43 -29.69
C VAL A 43 14.33 7.77 -28.98
N TYR A 44 13.26 7.09 -29.40
CA TYR A 44 11.92 7.31 -28.87
C TYR A 44 11.51 6.26 -27.82
N PHE A 45 10.77 6.72 -26.81
CA PHE A 45 10.25 5.85 -25.75
C PHE A 45 8.81 6.23 -25.45
N LYS A 46 8.08 5.30 -24.84
CA LYS A 46 6.71 5.55 -24.41
C LYS A 46 6.58 4.78 -23.11
N CYS A 47 5.67 5.19 -22.24
CA CYS A 47 5.47 4.45 -20.99
C CYS A 47 4.74 3.18 -21.43
N TRP A 48 4.90 2.08 -20.68
CA TRP A 48 4.26 0.83 -21.09
C TRP A 48 2.74 0.88 -21.20
N ASP A 49 2.08 1.54 -20.26
CA ASP A 49 0.63 1.60 -20.28
C ASP A 49 0.02 2.62 -21.24
N GLU A 50 0.83 3.49 -21.82
CA GLU A 50 0.27 4.45 -22.77
C GLU A 50 -0.03 3.69 -24.06
N ARG A 51 -0.66 4.37 -25.00
CA ARG A 51 -1.01 3.73 -26.27
C ARG A 51 -0.38 4.32 -27.51
N ASP A 52 0.15 5.55 -27.41
CA ASP A 52 0.78 6.18 -28.57
C ASP A 52 2.25 5.87 -28.63
N HIS A 53 2.80 5.98 -29.84
CA HIS A 53 4.20 5.67 -30.11
C HIS A 53 5.29 6.26 -29.22
N SER A 54 5.11 7.50 -28.76
CA SER A 54 6.14 8.11 -27.91
C SER A 54 5.67 9.25 -26.99
N CYS A 55 6.38 9.41 -25.89
CA CYS A 55 6.08 10.49 -24.94
C CYS A 55 7.40 11.09 -24.47
N TYR A 56 8.49 10.36 -24.70
CA TYR A 56 9.81 10.81 -24.28
C TYR A 56 10.84 10.51 -25.38
N ILE A 57 11.52 11.56 -25.85
CA ILE A 57 12.52 11.44 -26.91
C ILE A 57 13.85 12.02 -26.43
N ILE A 58 14.95 11.30 -26.65
CA ILE A 58 16.25 11.80 -26.25
C ILE A 58 17.11 12.13 -27.47
N ARG A 59 17.92 13.17 -27.34
CA ARG A 59 18.78 13.62 -28.42
C ARG A 59 20.17 13.93 -27.89
N GLU A 60 21.19 13.32 -28.48
CA GLU A 60 22.55 13.59 -28.03
C GLU A 60 22.83 15.04 -28.37
N ALA A 61 23.34 15.80 -27.40
CA ALA A 61 23.63 17.21 -27.60
C ALA A 61 24.74 17.69 -26.68
N ASP A 62 25.25 18.88 -26.95
CA ASP A 62 26.33 19.46 -26.16
C ASP A 62 25.88 19.91 -24.78
N THR A 63 24.57 20.19 -24.64
CA THR A 63 24.03 20.63 -23.37
C THR A 63 22.79 19.83 -23.00
N ALA A 64 22.53 19.69 -21.70
CA ALA A 64 21.35 18.96 -21.25
C ALA A 64 20.20 19.94 -21.19
N GLY A 65 18.99 19.43 -21.02
CA GLY A 65 17.83 20.30 -20.95
C GLY A 65 16.75 19.84 -21.91
N ILE A 66 15.69 20.63 -22.02
CA ILE A 66 14.57 20.26 -22.88
C ILE A 66 14.54 21.03 -24.18
N ASP A 67 14.29 20.32 -25.28
CA ASP A 67 14.20 20.94 -26.59
C ASP A 67 12.81 21.51 -26.78
N PHE A 68 11.80 20.70 -26.48
CA PHE A 68 10.41 21.13 -26.60
C PHE A 68 9.45 20.17 -25.88
N PHE A 69 8.26 20.66 -25.58
CA PHE A 69 7.24 19.88 -24.89
C PHE A 69 5.95 20.03 -25.69
N GLY A 70 5.38 18.90 -26.11
CA GLY A 70 4.17 18.95 -26.90
C GLY A 70 2.95 18.28 -26.29
N PHE A 71 1.79 18.78 -26.68
CA PHE A 71 0.51 18.27 -26.22
C PHE A 71 -0.25 17.67 -27.39
N LYS A 72 -1.02 16.62 -27.11
CA LYS A 72 -1.82 15.99 -28.13
C LYS A 72 -3.21 16.63 -28.04
N VAL A 73 -3.78 16.95 -29.20
CA VAL A 73 -5.10 17.56 -29.23
C VAL A 73 -6.09 16.58 -29.81
N LEU A 74 -7.37 16.85 -29.58
CA LEU A 74 -8.45 15.97 -30.02
C LEU A 74 -8.42 15.47 -31.47
N ASP A 75 -8.25 16.38 -32.42
CA ASP A 75 -8.26 16.03 -33.84
C ASP A 75 -7.66 17.13 -34.72
N LYS A 76 -7.58 16.86 -36.03
CA LYS A 76 -7.01 17.80 -36.99
C LYS A 76 -7.70 19.17 -36.98
N ALA A 77 -9.02 19.17 -36.92
CA ALA A 77 -9.77 20.41 -36.91
C ALA A 77 -9.36 21.28 -35.72
N THR A 78 -9.20 20.65 -34.56
CA THR A 78 -8.79 21.38 -33.35
C THR A 78 -7.38 21.95 -33.48
N LEU A 79 -6.48 21.18 -34.09
CA LEU A 79 -5.11 21.65 -34.29
C LEU A 79 -5.12 22.92 -35.14
N GLU A 80 -5.93 22.93 -36.19
CA GLU A 80 -6.00 24.11 -37.06
C GLU A 80 -6.52 25.31 -36.30
N LYS A 81 -7.60 25.10 -35.56
CA LYS A 81 -8.22 26.15 -34.77
C LYS A 81 -7.26 26.76 -33.75
N LEU A 82 -6.54 25.90 -33.04
CA LEU A 82 -5.59 26.34 -32.02
C LEU A 82 -4.51 27.20 -32.66
N ASP A 83 -4.03 26.76 -33.81
CA ASP A 83 -2.98 27.48 -34.54
C ASP A 83 -3.48 28.91 -34.86
N ALA A 84 -4.72 29.00 -35.32
CA ALA A 84 -5.31 30.28 -35.66
C ALA A 84 -5.44 31.17 -34.43
N ASP A 85 -5.94 30.60 -33.33
CA ASP A 85 -6.10 31.35 -32.08
C ASP A 85 -4.76 31.76 -31.49
N LEU A 86 -3.74 30.93 -31.65
CA LEU A 86 -2.41 31.26 -31.15
C LEU A 86 -1.85 32.48 -31.88
N GLN A 87 -2.05 32.51 -33.20
CA GLN A 87 -1.56 33.63 -33.98
C GLN A 87 -2.43 34.86 -33.73
N ALA A 88 -3.75 34.66 -33.68
CA ALA A 88 -4.68 35.74 -33.42
C ALA A 88 -4.31 36.44 -32.11
N TYR A 89 -3.84 35.65 -31.15
CA TYR A 89 -3.43 36.15 -29.85
C TYR A 89 -2.18 37.02 -29.96
N GLY A 90 -1.34 36.72 -30.95
CA GLY A 90 -0.14 37.51 -31.15
C GLY A 90 1.13 36.67 -31.19
N LEU A 91 0.98 35.36 -31.09
CA LEU A 91 2.14 34.48 -31.12
C LEU A 91 2.45 34.07 -32.56
N THR A 92 3.71 33.80 -32.83
CA THR A 92 4.09 33.38 -34.17
C THR A 92 4.23 31.87 -34.06
N THR A 93 3.63 31.13 -34.99
CA THR A 93 3.69 29.68 -34.97
C THR A 93 4.41 29.13 -36.20
N THR A 94 5.02 27.96 -36.04
CA THR A 94 5.73 27.31 -37.11
C THR A 94 5.24 25.88 -37.20
N ARG A 95 4.79 25.50 -38.39
CA ARG A 95 4.29 24.16 -38.61
C ARG A 95 5.41 23.19 -38.94
N ILE A 96 5.60 22.17 -38.11
CA ILE A 96 6.62 21.16 -38.33
C ILE A 96 5.99 20.06 -39.16
N PRO A 97 6.62 19.69 -40.28
CA PRO A 97 6.06 18.64 -41.14
C PRO A 97 5.83 17.29 -40.48
N ALA A 98 4.84 16.58 -40.99
CA ALA A 98 4.52 15.25 -40.48
C ALA A 98 5.69 14.35 -40.87
N GLY A 99 5.96 13.36 -40.05
CA GLY A 99 7.07 12.45 -40.33
C GLY A 99 8.39 13.01 -39.87
N GLU A 100 8.46 14.32 -39.60
CA GLU A 100 9.71 14.90 -39.13
C GLU A 100 10.08 14.16 -37.86
N MET A 101 9.06 13.72 -37.14
CA MET A 101 9.24 12.93 -35.92
C MET A 101 8.65 11.58 -36.33
N LEU A 102 9.31 10.49 -35.95
CA LEU A 102 8.82 9.17 -36.30
C LEU A 102 7.36 9.01 -35.88
N GLU A 103 6.56 8.45 -36.77
CA GLU A 103 5.16 8.17 -36.50
C GLU A 103 4.34 9.34 -35.96
N THR A 104 4.80 10.56 -36.17
CA THR A 104 4.07 11.72 -35.68
C THR A 104 3.58 12.65 -36.78
N GLY A 105 2.32 13.05 -36.68
CA GLY A 105 1.76 13.95 -37.67
C GLY A 105 2.42 15.32 -37.55
N GLU A 106 1.94 16.29 -38.33
CA GLU A 106 2.54 17.61 -38.27
C GLU A 106 2.27 18.27 -36.93
N ARG A 107 3.12 19.22 -36.55
CA ARG A 107 2.95 19.89 -35.26
C ARG A 107 2.99 21.41 -35.34
N VAL A 108 2.21 22.03 -34.46
CA VAL A 108 2.17 23.47 -34.36
C VAL A 108 3.11 23.88 -33.24
N ARG A 109 4.24 24.50 -33.59
CA ARG A 109 5.21 24.91 -32.58
C ARG A 109 5.24 26.41 -32.38
N PHE A 110 5.52 26.81 -31.14
CA PHE A 110 5.61 28.21 -30.79
C PHE A 110 6.44 28.36 -29.54
N GLU A 111 6.96 29.57 -29.33
CA GLU A 111 7.80 29.84 -28.17
C GLU A 111 7.04 30.68 -27.15
N LEU A 112 7.20 30.34 -25.87
CA LEU A 112 6.52 31.07 -24.81
C LEU A 112 7.40 32.23 -24.37
N PRO A 113 6.82 33.17 -23.61
CA PRO A 113 7.56 34.33 -23.11
C PRO A 113 8.66 33.86 -22.15
N SER A 114 8.50 32.64 -21.66
CA SER A 114 9.48 32.06 -20.73
C SER A 114 10.64 31.42 -21.50
N GLY A 115 10.53 31.37 -22.82
CA GLY A 115 11.60 30.81 -23.63
C GLY A 115 11.44 29.36 -24.06
N HIS A 116 10.49 28.67 -23.43
CA HIS A 116 10.23 27.26 -23.76
C HIS A 116 9.42 27.05 -25.04
N LEU A 117 9.75 26.00 -25.77
CA LEU A 117 9.04 25.69 -27.01
C LEU A 117 7.93 24.67 -26.74
N ILE A 118 6.71 25.02 -27.10
CA ILE A 118 5.58 24.13 -26.90
C ILE A 118 5.02 23.71 -28.25
N GLU A 119 4.62 22.46 -28.36
CA GLU A 119 4.05 21.90 -29.61
C GLU A 119 2.67 21.35 -29.37
N LEU A 120 1.88 21.32 -30.44
CA LEU A 120 0.53 20.78 -30.42
C LEU A 120 0.43 19.85 -31.64
N TYR A 121 -0.16 18.68 -31.47
CA TYR A 121 -0.33 17.76 -32.57
C TYR A 121 -1.60 16.94 -32.36
N ALA A 122 -2.19 16.49 -33.46
CA ALA A 122 -3.42 15.71 -33.36
C ALA A 122 -3.23 14.24 -33.67
N GLU A 123 -2.18 13.91 -34.42
CA GLU A 123 -1.96 12.52 -34.79
C GLU A 123 -0.60 11.95 -34.43
N LYS A 124 -0.62 10.73 -33.91
CA LYS A 124 0.58 10.00 -33.56
C LYS A 124 0.14 8.54 -33.53
N THR A 125 0.85 7.71 -34.28
CA THR A 125 0.52 6.30 -34.39
C THR A 125 0.29 5.61 -33.05
N CYS A 126 -0.79 4.85 -32.99
CA CYS A 126 -1.15 4.10 -31.80
C CYS A 126 -0.48 2.73 -31.91
N VAL A 127 0.36 2.41 -30.93
CA VAL A 127 1.06 1.12 -30.94
C VAL A 127 0.57 0.17 -29.85
N GLY A 128 -0.34 0.64 -29.01
CA GLY A 128 -0.89 -0.19 -27.94
C GLY A 128 -0.06 -0.18 -26.66
N ASN A 129 -0.54 -0.86 -25.62
CA ASN A 129 0.20 -0.90 -24.36
C ASN A 129 0.79 -2.27 -24.07
N GLY A 130 0.98 -3.07 -25.13
CA GLY A 130 1.54 -4.39 -24.96
C GLY A 130 0.55 -5.42 -24.46
N ILE A 131 -0.68 -4.99 -24.23
CA ILE A 131 -1.72 -5.87 -23.72
C ILE A 131 -2.82 -6.04 -24.76
N SER A 132 -3.43 -7.22 -24.79
CA SER A 132 -4.49 -7.53 -25.72
C SER A 132 -5.66 -6.57 -25.58
N GLU A 133 -6.34 -6.29 -26.70
CA GLU A 133 -7.49 -5.39 -26.71
C GLU A 133 -8.77 -6.17 -26.41
N VAL A 134 -8.65 -7.50 -26.38
CA VAL A 134 -9.79 -8.37 -26.07
C VAL A 134 -9.45 -9.16 -24.80
N ASN A 135 -10.33 -9.09 -23.80
CA ASN A 135 -10.09 -9.74 -22.51
C ASN A 135 -8.71 -9.33 -22.01
N PRO A 136 -8.47 -8.02 -21.88
CA PRO A 136 -7.19 -7.46 -21.41
C PRO A 136 -6.87 -7.73 -19.95
N ALA A 137 -5.63 -8.13 -19.68
CA ALA A 137 -5.18 -8.36 -18.31
C ALA A 137 -4.92 -6.98 -17.73
N PRO A 138 -4.78 -6.87 -16.39
CA PRO A 138 -4.51 -5.57 -15.76
C PRO A 138 -3.10 -5.04 -15.98
N TRP A 139 -2.18 -5.94 -16.34
CA TRP A 139 -0.79 -5.59 -16.60
C TRP A 139 0.00 -6.82 -17.04
N ASN A 140 1.28 -6.62 -17.35
CA ASN A 140 2.15 -7.71 -17.76
C ASN A 140 3.60 -7.44 -17.36
N ALA A 141 4.53 -8.24 -17.87
CA ALA A 141 5.94 -8.11 -17.55
C ALA A 141 6.50 -6.69 -17.66
N GLN A 142 6.00 -5.90 -18.61
CA GLN A 142 6.47 -4.54 -18.79
C GLN A 142 6.37 -3.73 -17.51
N ARG A 143 5.30 -3.97 -16.75
CA ARG A 143 5.07 -3.23 -15.50
C ARG A 143 6.16 -3.47 -14.48
N GLU A 144 6.93 -4.54 -14.66
CA GLU A 144 7.99 -4.84 -13.71
C GLU A 144 9.39 -4.76 -14.31
N HIS A 145 9.52 -4.01 -15.40
CA HIS A 145 10.82 -3.80 -16.06
C HIS A 145 11.26 -2.41 -15.62
N GLY A 146 12.23 -2.34 -14.71
CA GLY A 146 12.69 -1.05 -14.22
C GLY A 146 11.55 -0.41 -13.44
N ILE A 147 11.60 0.91 -13.21
CA ILE A 147 10.53 1.60 -12.48
C ILE A 147 9.18 1.38 -13.17
N ALA A 148 9.19 1.50 -14.49
CA ALA A 148 8.00 1.28 -15.30
C ALA A 148 6.84 2.24 -15.05
N PRO A 149 7.05 3.54 -15.31
CA PRO A 149 5.98 4.52 -15.11
C PRO A 149 4.80 4.23 -16.06
N ILE A 150 3.63 4.76 -15.72
CA ILE A 150 2.41 4.55 -16.49
C ILE A 150 2.14 5.62 -17.56
N GLN A 151 2.62 6.85 -17.33
CA GLN A 151 2.44 7.92 -18.31
C GLN A 151 3.31 9.14 -18.06
N LEU A 152 3.51 9.93 -19.13
CA LEU A 152 4.26 11.17 -19.03
C LEU A 152 3.19 12.05 -18.42
N ASP A 153 3.37 12.40 -17.15
CA ASP A 153 2.36 13.17 -16.44
C ASP A 153 2.36 14.66 -16.70
N HIS A 154 3.54 15.27 -16.66
CA HIS A 154 3.67 16.71 -16.90
C HIS A 154 5.14 17.06 -16.81
N CYS A 155 5.42 18.35 -16.78
CA CYS A 155 6.78 18.83 -16.62
C CYS A 155 6.65 20.16 -15.87
N LEU A 156 7.75 20.65 -15.33
CA LEU A 156 7.71 21.92 -14.63
C LEU A 156 8.85 22.73 -15.20
N LEU A 157 8.50 23.84 -15.85
CA LEU A 157 9.51 24.67 -16.48
C LEU A 157 9.84 25.94 -15.71
N TYR A 158 11.09 26.37 -15.84
CA TYR A 158 11.63 27.57 -15.19
C TYR A 158 11.90 28.63 -16.25
N GLY A 159 11.32 29.81 -16.08
CA GLY A 159 11.53 30.87 -17.04
C GLY A 159 10.83 32.14 -16.60
N PRO A 160 11.12 33.28 -17.24
CA PRO A 160 10.50 34.58 -16.90
C PRO A 160 9.12 34.79 -17.52
N ASN A 161 8.44 35.84 -17.06
CA ASN A 161 7.12 36.22 -17.57
C ASN A 161 6.06 35.11 -17.46
N ILE A 162 6.03 34.44 -16.32
CA ILE A 162 5.08 33.37 -16.09
C ILE A 162 3.65 33.90 -16.16
N ALA A 163 3.49 35.20 -15.92
CA ALA A 163 2.18 35.82 -15.98
C ALA A 163 1.64 35.73 -17.40
N GLU A 164 2.50 36.04 -18.37
CA GLU A 164 2.10 36.01 -19.77
C GLU A 164 1.91 34.57 -20.25
N VAL A 165 2.64 33.64 -19.65
CA VAL A 165 2.50 32.24 -20.03
C VAL A 165 1.14 31.74 -19.55
N GLN A 166 0.75 32.20 -18.36
CA GLN A 166 -0.53 31.80 -17.80
C GLN A 166 -1.67 32.23 -18.71
N LYS A 167 -1.62 33.49 -19.14
CA LYS A 167 -2.65 34.03 -20.03
C LYS A 167 -2.78 33.18 -21.30
N ILE A 168 -1.65 32.86 -21.91
CA ILE A 168 -1.64 32.04 -23.12
C ILE A 168 -2.31 30.69 -22.91
N PHE A 169 -1.92 30.00 -21.85
CA PHE A 169 -2.50 28.68 -21.58
C PHE A 169 -3.97 28.70 -21.20
N THR A 170 -4.40 29.65 -20.38
CA THR A 170 -5.81 29.71 -19.98
C THR A 170 -6.73 30.38 -21.00
N GLU A 171 -6.24 31.42 -21.68
CA GLU A 171 -7.08 32.12 -22.65
C GLU A 171 -7.10 31.55 -24.06
N VAL A 172 -6.06 30.80 -24.42
CA VAL A 172 -6.01 30.24 -25.77
C VAL A 172 -6.05 28.72 -25.82
N LEU A 173 -5.25 28.08 -24.98
CA LEU A 173 -5.14 26.62 -24.96
C LEU A 173 -6.15 25.82 -24.15
N GLY A 174 -7.08 26.51 -23.48
CA GLY A 174 -8.10 25.84 -22.71
C GLY A 174 -7.71 25.22 -21.38
N PHE A 175 -6.65 25.72 -20.76
CA PHE A 175 -6.20 25.19 -19.47
C PHE A 175 -6.78 26.10 -18.39
N TYR A 176 -6.62 25.69 -17.14
CA TYR A 176 -7.09 26.48 -16.01
C TYR A 176 -6.14 26.29 -14.84
N LEU A 177 -6.04 27.32 -13.99
CA LEU A 177 -5.15 27.29 -12.83
C LEU A 177 -5.69 26.39 -11.75
N VAL A 178 -4.88 25.42 -11.33
CA VAL A 178 -5.29 24.53 -10.25
C VAL A 178 -4.65 25.00 -8.95
N GLU A 179 -3.36 25.33 -9.00
CA GLU A 179 -2.66 25.81 -7.81
C GLU A 179 -1.69 26.93 -8.18
N ARG A 180 -1.33 27.73 -7.20
CA ARG A 180 -0.40 28.83 -7.42
C ARG A 180 0.42 29.08 -6.18
N VAL A 181 1.55 29.75 -6.38
CA VAL A 181 2.43 30.13 -5.29
C VAL A 181 2.45 31.66 -5.36
N LEU A 182 2.03 32.30 -4.28
CA LEU A 182 1.99 33.76 -4.26
C LEU A 182 3.39 34.31 -4.06
N SER A 183 3.60 35.55 -4.52
CA SER A 183 4.89 36.21 -4.36
C SER A 183 5.00 36.64 -2.90
N PRO A 184 6.22 36.90 -2.42
CA PRO A 184 6.45 37.31 -1.04
C PRO A 184 5.40 38.26 -0.50
N ASP A 185 5.04 39.28 -1.27
CA ASP A 185 4.02 40.22 -0.83
C ASP A 185 3.65 41.19 -1.95
N GLY A 186 4.60 41.48 -2.83
CA GLY A 186 4.29 42.35 -3.96
C GLY A 186 3.44 41.49 -4.86
N ASP A 187 2.52 40.76 -4.21
CA ASP A 187 1.60 39.83 -4.82
C ASP A 187 1.45 39.78 -6.33
N SER A 188 1.59 38.55 -6.80
CA SER A 188 1.51 38.16 -8.19
C SER A 188 1.63 36.66 -7.99
N ASP A 189 2.14 35.93 -8.96
CA ASP A 189 2.30 34.50 -8.81
C ASP A 189 3.72 34.12 -9.16
N MET A 190 4.40 33.44 -8.24
CA MET A 190 5.78 33.01 -8.50
C MET A 190 5.79 31.62 -9.09
N GLY A 191 4.65 30.95 -9.04
CA GLY A 191 4.55 29.61 -9.58
C GLY A 191 3.12 29.30 -9.96
N ILE A 192 2.94 28.46 -10.98
CA ILE A 192 1.60 28.08 -11.41
C ILE A 192 1.54 26.63 -11.86
N TRP A 193 0.42 25.98 -11.55
CA TRP A 193 0.21 24.60 -11.91
C TRP A 193 -1.07 24.60 -12.74
N LEU A 194 -0.91 24.29 -14.02
CA LEU A 194 -1.99 24.31 -14.98
C LEU A 194 -2.49 22.93 -15.42
N SER A 195 -3.78 22.87 -15.71
CA SER A 195 -4.40 21.63 -16.15
C SER A 195 -5.30 21.86 -17.36
N CYS A 196 -5.40 20.85 -18.22
CA CYS A 196 -6.25 20.91 -19.41
C CYS A 196 -7.14 19.67 -19.34
N SER A 197 -7.37 19.20 -18.11
CA SER A 197 -8.17 17.99 -17.86
C SER A 197 -8.65 18.00 -16.41
N HIS A 198 -8.78 16.84 -15.78
CA HIS A 198 -9.15 16.85 -14.38
C HIS A 198 -8.00 16.36 -13.52
N LYS A 199 -6.78 16.53 -14.04
CA LYS A 199 -5.57 16.16 -13.30
C LYS A 199 -5.14 17.42 -12.57
N VAL A 200 -4.38 17.26 -11.49
CA VAL A 200 -3.89 18.39 -10.70
C VAL A 200 -3.14 19.33 -11.65
N HIS A 201 -2.33 18.78 -12.53
CA HIS A 201 -1.65 19.59 -13.51
C HIS A 201 -1.03 18.82 -14.67
N ASP A 202 -1.09 19.44 -15.84
CA ASP A 202 -0.58 18.90 -17.05
C ASP A 202 0.76 19.56 -17.38
N ILE A 203 0.98 20.74 -16.79
CA ILE A 203 2.21 21.49 -16.95
C ILE A 203 2.28 22.56 -15.86
N ALA A 204 3.48 22.92 -15.44
CA ALA A 204 3.67 23.94 -14.41
C ALA A 204 4.84 24.85 -14.73
N PHE A 205 4.81 26.07 -14.21
CA PHE A 205 5.88 27.04 -14.46
C PHE A 205 6.28 27.77 -13.18
N VAL A 206 7.58 28.02 -13.02
CA VAL A 206 8.08 28.75 -11.87
C VAL A 206 8.88 29.94 -12.40
N GLU A 207 8.60 31.13 -11.87
CA GLU A 207 9.29 32.34 -12.32
C GLU A 207 10.78 32.21 -12.06
N TYR A 208 11.56 32.30 -13.13
CA TYR A 208 13.01 32.17 -13.07
C TYR A 208 13.60 33.06 -14.17
N PRO A 209 14.71 33.77 -13.86
CA PRO A 209 15.38 34.66 -14.82
C PRO A 209 15.80 34.02 -16.14
N GLU A 210 16.44 32.86 -16.07
CA GLU A 210 16.92 32.16 -17.26
C GLU A 210 15.77 31.57 -18.07
N LYS A 211 15.75 31.83 -19.38
CA LYS A 211 14.69 31.31 -20.24
C LYS A 211 14.95 29.87 -20.68
N GLY A 212 13.85 29.15 -20.96
CA GLY A 212 13.95 27.78 -21.44
C GLY A 212 14.43 26.70 -20.48
N LYS A 213 14.56 27.02 -19.20
CA LYS A 213 15.04 26.07 -18.19
C LYS A 213 14.05 24.92 -17.92
N LEU A 214 14.59 23.72 -17.79
CA LEU A 214 13.77 22.53 -17.51
C LEU A 214 14.06 22.08 -16.07
N HIS A 215 13.05 22.17 -15.21
CA HIS A 215 13.24 21.71 -13.84
C HIS A 215 13.14 20.19 -13.90
N HIS A 216 12.00 19.69 -14.37
CA HIS A 216 11.82 18.25 -14.49
C HIS A 216 10.64 17.82 -15.34
N CYS A 217 10.73 16.59 -15.83
CA CYS A 217 9.65 15.96 -16.58
C CYS A 217 9.13 14.96 -15.54
N SER A 218 7.82 14.70 -15.54
CA SER A 218 7.28 13.79 -14.53
C SER A 218 6.58 12.55 -15.06
N PHE A 219 6.76 11.46 -14.32
CA PHE A 219 6.15 10.16 -14.65
C PHE A 219 5.30 9.61 -13.52
N LEU A 220 4.07 9.23 -13.86
CA LEU A 220 3.09 8.72 -12.90
C LEU A 220 3.25 7.24 -12.55
N LEU A 221 3.13 6.93 -11.27
CA LEU A 221 3.24 5.55 -10.78
C LEU A 221 1.89 5.10 -10.24
N GLU A 222 1.69 3.77 -10.16
CA GLU A 222 0.42 3.18 -9.71
C GLU A 222 0.04 3.33 -8.25
N SER A 223 1.01 3.29 -7.35
CA SER A 223 0.72 3.37 -5.92
C SER A 223 1.88 3.94 -5.13
N TRP A 224 1.67 4.10 -3.82
CA TRP A 224 2.69 4.61 -2.93
C TRP A 224 3.83 3.59 -2.87
N GLU A 225 3.47 2.31 -2.85
CA GLU A 225 4.51 1.28 -2.78
C GLU A 225 5.38 1.26 -4.03
N GLN A 226 4.81 1.64 -5.17
CA GLN A 226 5.60 1.67 -6.39
C GLN A 226 6.63 2.79 -6.26
N VAL A 227 6.28 3.85 -5.53
CA VAL A 227 7.25 4.93 -5.34
C VAL A 227 8.40 4.39 -4.50
N LEU A 228 8.07 3.66 -3.43
CA LEU A 228 9.10 3.07 -2.58
C LEU A 228 9.98 2.15 -3.42
N ARG A 229 9.34 1.37 -4.28
CA ARG A 229 10.07 0.46 -5.17
C ARG A 229 11.03 1.25 -6.07
N ALA A 230 10.51 2.33 -6.67
CA ALA A 230 11.32 3.15 -7.55
C ALA A 230 12.56 3.62 -6.80
N GLY A 231 12.38 3.91 -5.52
CA GLY A 231 13.49 4.36 -4.69
C GLY A 231 14.55 3.30 -4.58
N ASP A 232 14.13 2.06 -4.46
CA ASP A 232 15.06 0.94 -4.36
C ASP A 232 15.80 0.72 -5.66
N ILE A 233 15.08 0.82 -6.78
CA ILE A 233 15.71 0.61 -8.06
C ILE A 233 16.75 1.69 -8.33
N MET A 234 16.46 2.92 -7.91
CA MET A 234 17.42 4.01 -8.11
C MET A 234 18.68 3.72 -7.30
N SER A 235 18.51 3.42 -6.02
CA SER A 235 19.66 3.11 -5.16
C SER A 235 20.49 1.98 -5.75
N MET A 236 19.83 0.94 -6.27
CA MET A 236 20.53 -0.20 -6.86
C MET A 236 21.34 0.17 -8.11
N ASN A 237 20.86 1.14 -8.88
CA ASN A 237 21.57 1.53 -10.08
C ASN A 237 22.46 2.75 -9.90
N GLU A 238 22.73 3.10 -8.65
CA GLU A 238 23.58 4.23 -8.29
C GLU A 238 23.06 5.54 -8.85
N VAL A 239 21.75 5.58 -9.11
CA VAL A 239 21.13 6.77 -9.64
C VAL A 239 21.29 7.94 -8.66
N ASN A 240 21.54 9.13 -9.19
CA ASN A 240 21.67 10.32 -8.37
C ASN A 240 20.29 10.79 -7.99
N VAL A 241 19.93 10.65 -6.71
CA VAL A 241 18.61 11.06 -6.25
C VAL A 241 18.67 12.47 -5.69
N ASP A 242 17.75 13.31 -6.14
CA ASP A 242 17.68 14.70 -5.69
C ASP A 242 17.08 14.77 -4.29
N ILE A 243 15.80 14.47 -4.20
CA ILE A 243 15.12 14.50 -2.91
C ILE A 243 14.34 13.19 -2.82
N GLY A 244 14.70 12.39 -1.82
CA GLY A 244 14.10 11.08 -1.61
C GLY A 244 12.59 11.06 -1.51
N PRO A 245 11.99 9.87 -1.33
CA PRO A 245 10.53 9.74 -1.22
C PRO A 245 10.00 10.70 -0.17
N THR A 246 9.00 11.49 -0.54
CA THR A 246 8.44 12.45 0.39
C THR A 246 7.09 12.98 -0.08
N ARG A 247 6.29 13.44 0.89
CA ARG A 247 4.98 14.00 0.62
C ARG A 247 5.16 15.42 0.10
N HIS A 248 4.62 15.69 -1.08
CA HIS A 248 4.71 17.01 -1.70
C HIS A 248 3.93 18.03 -0.87
N GLY A 249 2.94 18.63 -1.52
CA GLY A 249 2.11 19.63 -0.88
C GLY A 249 1.37 20.34 -1.98
N VAL A 250 2.12 20.90 -2.91
CA VAL A 250 1.56 21.61 -4.05
C VAL A 250 1.00 20.60 -5.06
N THR A 251 0.31 19.60 -4.54
CA THR A 251 -0.29 18.56 -5.37
C THR A 251 -0.70 17.34 -4.54
N ARG A 252 -0.31 17.34 -3.26
CA ARG A 252 -0.63 16.22 -2.36
C ARG A 252 0.07 14.97 -2.87
N GLY A 253 1.07 15.16 -3.72
CA GLY A 253 1.79 14.04 -4.29
C GLY A 253 2.92 13.48 -3.46
N CYS A 254 3.10 12.16 -3.57
CA CYS A 254 4.15 11.42 -2.86
C CYS A 254 5.11 11.09 -4.00
N THR A 255 6.28 11.70 -3.96
CA THR A 255 7.22 11.60 -5.07
C THR A 255 8.71 11.52 -4.73
N ILE A 256 9.49 11.31 -5.79
CA ILE A 256 10.95 11.25 -5.71
C ILE A 256 11.50 12.02 -6.90
N TYR A 257 12.43 12.93 -6.66
CA TYR A 257 13.07 13.67 -7.73
C TYR A 257 14.45 13.05 -7.91
N ALA A 258 14.78 12.69 -9.14
CA ALA A 258 16.10 12.10 -9.38
C ALA A 258 16.64 12.63 -10.72
N TRP A 259 17.92 12.35 -10.96
CA TRP A 259 18.56 12.81 -12.17
C TRP A 259 18.96 11.76 -13.18
N ASP A 260 18.98 12.22 -14.42
CA ASP A 260 19.37 11.49 -15.61
C ASP A 260 20.89 11.42 -15.52
N PRO A 261 21.54 10.54 -16.29
CA PRO A 261 23.01 10.54 -16.18
C PRO A 261 23.55 11.86 -16.76
N SER A 262 22.76 12.48 -17.63
CA SER A 262 23.15 13.75 -18.26
C SER A 262 22.80 14.92 -17.35
N GLY A 263 22.07 14.64 -16.29
CA GLY A 263 21.68 15.69 -15.38
C GLY A 263 20.29 16.24 -15.60
N ASN A 264 19.45 15.50 -16.32
CA ASN A 264 18.08 15.92 -16.53
C ASN A 264 17.28 15.38 -15.35
N ARG A 265 16.63 16.26 -14.61
CA ARG A 265 15.84 15.81 -13.46
C ARG A 265 14.47 15.31 -13.92
N PHE A 266 14.05 14.18 -13.38
CA PHE A 266 12.74 13.63 -13.69
C PHE A 266 12.05 13.29 -12.39
N GLU A 267 10.74 13.10 -12.42
CA GLU A 267 9.99 12.76 -11.22
C GLU A 267 9.16 11.49 -11.40
N THR A 268 9.09 10.69 -10.34
CA THR A 268 8.28 9.46 -10.35
C THR A 268 7.39 9.64 -9.12
N PHE A 269 6.10 9.85 -9.34
CA PHE A 269 5.17 10.07 -8.24
C PHE A 269 3.82 9.40 -8.45
N MET A 270 2.95 9.58 -7.45
CA MET A 270 1.58 9.07 -7.48
C MET A 270 0.83 9.86 -6.42
N GLY A 271 -0.47 10.02 -6.60
CA GLY A 271 -1.26 10.76 -5.63
C GLY A 271 -1.79 12.06 -6.20
N GLY A 272 -2.68 12.73 -5.48
CA GLY A 272 -3.26 13.98 -5.94
C GLY A 272 -4.78 13.95 -5.95
N TYR A 273 -5.42 15.11 -5.90
CA TYR A 273 -6.88 15.18 -5.92
C TYR A 273 -7.41 15.28 -7.35
N HIS A 274 -8.69 15.59 -7.50
CA HIS A 274 -9.33 15.64 -8.82
C HIS A 274 -10.02 16.97 -9.15
N PRO A 275 -9.25 17.96 -9.58
CA PRO A 275 -9.87 19.25 -9.92
C PRO A 275 -10.64 19.22 -11.25
N TYR A 276 -11.59 20.13 -11.37
CA TYR A 276 -12.39 20.24 -12.60
C TYR A 276 -12.40 21.72 -12.94
N PRO A 277 -12.64 22.07 -14.20
CA PRO A 277 -12.69 23.44 -14.70
C PRO A 277 -13.43 24.46 -13.83
N ASP A 278 -14.53 24.03 -13.21
CA ASP A 278 -15.32 24.94 -12.38
C ASP A 278 -14.72 25.28 -11.02
N TYR A 279 -13.59 24.65 -10.68
CA TYR A 279 -12.95 24.89 -9.40
C TYR A 279 -12.04 26.10 -9.36
N GLU A 280 -11.97 26.71 -8.18
CA GLU A 280 -11.11 27.87 -7.96
C GLU A 280 -9.76 27.30 -7.54
N PRO A 281 -8.67 28.00 -7.86
CA PRO A 281 -7.33 27.52 -7.51
C PRO A 281 -6.97 27.55 -6.02
N LEU A 282 -6.02 26.71 -5.66
CA LEU A 282 -5.53 26.65 -4.29
C LEU A 282 -4.33 27.58 -4.33
N SER A 283 -3.96 28.13 -3.18
CA SER A 283 -2.82 29.04 -3.08
C SER A 283 -1.82 28.62 -2.01
N TRP A 284 -0.55 28.91 -2.27
CA TRP A 284 0.55 28.64 -1.33
C TRP A 284 1.32 29.94 -1.13
N THR A 285 1.64 30.26 0.11
CA THR A 285 2.40 31.47 0.40
C THR A 285 3.84 31.22 -0.06
N TYR A 286 4.54 32.28 -0.41
CA TYR A 286 5.92 32.16 -0.86
C TYR A 286 6.79 31.46 0.17
N ASP A 287 6.63 31.85 1.43
CA ASP A 287 7.41 31.27 2.52
C ASP A 287 7.21 29.76 2.64
N ASN A 288 6.06 29.28 2.19
CA ASN A 288 5.75 27.86 2.22
C ASN A 288 6.48 27.23 1.03
N PHE A 289 6.33 27.86 -0.13
CA PHE A 289 6.96 27.42 -1.37
C PHE A 289 8.48 27.33 -1.20
N ALA A 290 9.04 28.29 -0.46
CA ALA A 290 10.48 28.36 -0.21
C ALA A 290 11.02 27.10 0.48
N GLN A 291 10.12 26.35 1.12
CA GLN A 291 10.50 25.12 1.80
C GLN A 291 10.16 23.90 0.97
N GLY A 292 9.47 24.10 -0.15
CA GLY A 292 9.08 22.99 -1.00
C GLY A 292 10.17 22.51 -1.96
N LEU A 293 9.86 21.46 -2.71
CA LEU A 293 10.80 20.86 -3.66
C LEU A 293 11.02 21.63 -4.97
N ASP A 294 10.11 22.54 -5.31
CA ASP A 294 10.26 23.28 -6.56
C ASP A 294 10.89 24.66 -6.42
N TYR A 295 11.36 24.98 -5.22
CA TYR A 295 12.00 26.27 -4.93
C TYR A 295 13.34 26.36 -5.65
N PRO A 296 13.57 27.44 -6.44
CA PRO A 296 14.80 27.68 -7.20
C PRO A 296 16.04 27.35 -6.38
N GLN A 297 16.02 27.79 -5.12
CA GLN A 297 17.10 27.44 -4.20
C GLN A 297 16.61 26.09 -3.71
N ARG A 298 17.52 25.17 -3.41
CA ARG A 298 17.20 23.84 -2.90
C ARG A 298 18.13 22.84 -3.56
N ALA B 2 10.41 -22.05 20.15
CA ALA B 2 9.98 -21.45 21.45
C ALA B 2 10.68 -20.13 21.75
N MET B 3 9.92 -19.16 22.25
CA MET B 3 10.51 -17.89 22.63
C MET B 3 10.79 -18.05 24.12
N THR B 4 12.03 -17.86 24.53
CA THR B 4 12.35 -18.03 25.95
C THR B 4 13.43 -17.04 26.39
N GLY B 5 13.70 -16.98 27.70
CA GLY B 5 14.69 -16.05 28.19
C GLY B 5 14.20 -14.62 28.06
N VAL B 6 14.94 -13.78 27.33
CA VAL B 6 14.53 -12.38 27.14
C VAL B 6 13.59 -12.39 25.96
N LEU B 7 12.36 -11.92 26.16
CA LEU B 7 11.37 -11.96 25.09
C LEU B 7 11.28 -10.75 24.17
N ARG B 8 11.26 -9.56 24.75
CA ARG B 8 11.09 -8.38 23.92
C ARG B 8 11.32 -7.05 24.66
N PRO B 9 11.48 -5.96 23.91
CA PRO B 9 11.67 -4.69 24.60
C PRO B 9 10.39 -4.54 25.43
N GLY B 10 10.52 -4.16 26.69
CA GLY B 10 9.36 -4.01 27.55
C GLY B 10 8.97 -2.58 27.89
N HIS B 11 9.97 -1.72 28.11
CA HIS B 11 9.67 -0.33 28.38
C HIS B 11 10.88 0.57 28.26
N ALA B 12 10.63 1.83 27.93
CA ALA B 12 11.67 2.83 27.83
C ALA B 12 11.19 4.02 28.63
N GLN B 13 12.00 4.48 29.57
CA GLN B 13 11.63 5.66 30.34
C GLN B 13 12.54 6.75 29.83
N VAL B 14 11.91 7.81 29.32
CA VAL B 14 12.63 8.93 28.74
C VAL B 14 12.36 10.21 29.51
N ARG B 15 13.32 11.14 29.46
CA ARG B 15 13.18 12.40 30.15
C ARG B 15 12.65 13.48 29.22
N VAL B 16 11.64 14.20 29.67
CA VAL B 16 11.06 15.29 28.89
C VAL B 16 11.25 16.60 29.64
N LEU B 17 11.70 17.63 28.93
CA LEU B 17 11.93 18.93 29.54
C LEU B 17 10.63 19.62 29.95
N ASN B 18 9.50 19.04 29.56
CA ASN B 18 8.20 19.61 29.89
C ASN B 18 7.14 18.54 29.85
N LEU B 19 6.70 18.10 31.03
CA LEU B 19 5.70 17.04 31.14
C LEU B 19 4.44 17.27 30.31
N GLU B 20 3.53 18.09 30.83
CA GLU B 20 2.28 18.42 30.16
C GLU B 20 2.39 18.48 28.64
N GLU B 21 3.50 19.01 28.13
CA GLU B 21 3.73 19.09 26.69
C GLU B 21 4.10 17.72 26.14
N GLY B 22 4.81 16.94 26.94
CA GLY B 22 5.19 15.60 26.52
C GLY B 22 3.95 14.75 26.41
N ILE B 23 3.04 14.92 27.36
CA ILE B 23 1.79 14.18 27.40
C ILE B 23 0.95 14.50 26.16
N HIS B 24 0.91 15.76 25.79
CA HIS B 24 0.15 16.19 24.63
C HIS B 24 0.68 15.54 23.36
N PHE B 25 1.99 15.67 23.13
CA PHE B 25 2.60 15.11 21.93
C PHE B 25 2.50 13.59 21.81
N TYR B 26 2.69 12.86 22.91
CA TYR B 26 2.63 11.41 22.84
C TYR B 26 1.21 10.85 22.76
N ARG B 27 0.25 11.63 23.22
CA ARG B 27 -1.14 11.19 23.18
C ARG B 27 -1.83 11.56 21.87
N ASN B 28 -1.55 12.75 21.36
CA ASN B 28 -2.18 13.23 20.14
C ASN B 28 -1.39 13.05 18.86
N VAL B 29 -0.08 13.21 18.92
CA VAL B 29 0.71 13.07 17.73
C VAL B 29 1.10 11.60 17.51
N LEU B 30 1.89 11.03 18.42
CA LEU B 30 2.31 9.64 18.25
C LEU B 30 1.12 8.72 18.45
N GLY B 31 0.18 9.14 19.28
CA GLY B 31 -0.99 8.32 19.49
C GLY B 31 -0.76 7.09 20.35
N LEU B 32 -0.04 7.27 21.44
CA LEU B 32 0.20 6.21 22.39
C LEU B 32 -1.00 6.27 23.33
N VAL B 33 -1.31 5.15 23.97
CA VAL B 33 -2.44 5.09 24.88
C VAL B 33 -1.95 5.33 26.31
N GLU B 34 -2.44 6.38 26.95
CA GLU B 34 -2.03 6.68 28.32
C GLU B 34 -2.71 5.68 29.25
N THR B 35 -1.93 5.03 30.11
CA THR B 35 -2.48 4.04 31.02
C THR B 35 -2.38 4.40 32.49
N GLY B 36 -1.56 5.39 32.82
CA GLY B 36 -1.42 5.77 34.21
C GLY B 36 -0.40 6.87 34.49
N ARG B 37 -0.47 7.40 35.71
CA ARG B 37 0.43 8.47 36.16
C ARG B 37 0.68 8.21 37.64
N ASP B 38 1.94 8.06 38.04
CA ASP B 38 2.26 7.78 39.43
C ASP B 38 2.52 9.01 40.30
N ASP B 39 2.96 8.78 41.54
CA ASP B 39 3.25 9.85 42.49
C ASP B 39 4.46 10.67 42.09
N GLN B 40 5.44 10.03 41.45
CA GLN B 40 6.63 10.74 41.03
C GLN B 40 6.27 11.70 39.89
N GLY B 41 5.08 11.51 39.33
CA GLY B 41 4.65 12.37 38.26
C GLY B 41 4.92 11.82 36.86
N ARG B 42 5.45 10.61 36.78
CA ARG B 42 5.74 10.03 35.46
C ARG B 42 4.41 9.56 34.90
N VAL B 43 4.27 9.59 33.57
CA VAL B 43 3.03 9.14 32.95
C VAL B 43 3.34 7.94 32.06
N TYR B 44 2.50 6.92 32.17
CA TYR B 44 2.69 5.69 31.43
C TYR B 44 1.84 5.60 30.16
N PHE B 45 2.43 5.03 29.11
CA PHE B 45 1.77 4.83 27.82
C PHE B 45 2.04 3.41 27.31
N LYS B 46 1.19 2.95 26.39
CA LYS B 46 1.34 1.65 25.75
C LYS B 46 0.83 1.80 24.32
N CYS B 47 1.41 1.07 23.36
CA CYS B 47 0.92 1.15 21.99
C CYS B 47 -0.43 0.44 22.04
N TRP B 48 -1.36 0.83 21.17
CA TRP B 48 -2.70 0.24 21.17
C TRP B 48 -2.81 -1.27 21.10
N ASP B 49 -2.06 -1.89 20.20
CA ASP B 49 -2.16 -3.33 20.03
C ASP B 49 -1.33 -4.16 21.02
N GLU B 50 -0.57 -3.49 21.88
CA GLU B 50 0.18 -4.23 22.89
C GLU B 50 -0.86 -4.62 23.94
N ARG B 51 -0.50 -5.51 24.85
CA ARG B 51 -1.42 -5.96 25.89
C ARG B 51 -0.97 -5.56 27.29
N ASP B 52 0.33 -5.32 27.46
CA ASP B 52 0.85 -4.96 28.78
C ASP B 52 0.63 -3.49 29.09
N HIS B 53 0.55 -3.20 30.39
CA HIS B 53 0.30 -1.85 30.89
C HIS B 53 1.07 -0.68 30.31
N SER B 54 2.34 -0.89 29.95
CA SER B 54 3.13 0.21 29.40
C SER B 54 4.41 -0.21 28.71
N CYS B 55 4.86 0.63 27.78
CA CYS B 55 6.09 0.38 27.04
C CYS B 55 6.90 1.67 26.94
N TYR B 56 6.27 2.80 27.23
CA TYR B 56 6.95 4.09 27.15
C TYR B 56 6.54 4.95 28.35
N ILE B 57 7.53 5.38 29.12
CA ILE B 57 7.29 6.19 30.31
C ILE B 57 8.12 7.47 30.24
N ILE B 58 7.47 8.61 30.43
CA ILE B 58 8.16 9.89 30.36
C ILE B 58 8.24 10.55 31.74
N ARG B 59 9.38 11.19 32.02
CA ARG B 59 9.64 11.83 33.29
C ARG B 59 10.13 13.27 33.11
N GLU B 60 9.45 14.21 33.77
CA GLU B 60 9.82 15.61 33.69
C GLU B 60 11.17 15.80 34.39
N ALA B 61 12.12 16.40 33.67
CA ALA B 61 13.47 16.62 34.20
C ALA B 61 14.15 17.78 33.49
N ASP B 62 15.34 18.15 33.96
CA ASP B 62 16.09 19.26 33.38
C ASP B 62 16.97 18.82 32.21
N THR B 63 16.91 17.54 31.85
CA THR B 63 17.72 17.03 30.76
C THR B 63 16.96 15.99 29.95
N ALA B 64 17.10 16.04 28.63
CA ALA B 64 16.43 15.07 27.76
C ALA B 64 17.32 13.83 27.71
N GLY B 65 16.77 12.73 27.21
CA GLY B 65 17.56 11.52 27.14
C GLY B 65 16.82 10.33 27.71
N ILE B 66 17.51 9.21 27.82
CA ILE B 66 16.92 7.98 28.31
C ILE B 66 17.39 7.61 29.70
N ASP B 67 16.45 7.38 30.61
CA ASP B 67 16.81 6.96 31.95
C ASP B 67 17.26 5.51 31.86
N PHE B 68 16.39 4.65 31.30
CA PHE B 68 16.71 3.23 31.15
C PHE B 68 15.80 2.55 30.14
N PHE B 69 16.18 1.34 29.74
CA PHE B 69 15.44 0.53 28.77
C PHE B 69 15.25 -0.87 29.36
N GLY B 70 13.99 -1.29 29.49
CA GLY B 70 13.71 -2.60 30.06
C GLY B 70 13.18 -3.65 29.09
N PHE B 71 13.47 -4.92 29.40
CA PHE B 71 13.04 -6.05 28.59
C PHE B 71 12.20 -7.00 29.43
N LYS B 72 11.20 -7.61 28.81
CA LYS B 72 10.38 -8.55 29.56
C LYS B 72 10.97 -9.92 29.31
N VAL B 73 11.04 -10.73 30.36
CA VAL B 73 11.58 -12.07 30.23
C VAL B 73 10.45 -13.08 30.42
N LEU B 74 10.69 -14.32 30.02
CA LEU B 74 9.67 -15.36 30.09
C LEU B 74 8.96 -15.51 31.43
N ASP B 75 9.73 -15.67 32.50
CA ASP B 75 9.13 -15.87 33.81
C ASP B 75 10.08 -15.50 34.95
N LYS B 76 9.58 -15.66 36.18
CA LYS B 76 10.35 -15.35 37.38
C LYS B 76 11.64 -16.15 37.48
N ALA B 77 11.57 -17.43 37.17
CA ALA B 77 12.75 -18.29 37.22
C ALA B 77 13.81 -17.76 36.28
N THR B 78 13.40 -17.36 35.08
CA THR B 78 14.34 -16.83 34.11
C THR B 78 15.00 -15.54 34.61
N LEU B 79 14.22 -14.71 35.29
CA LEU B 79 14.72 -13.46 35.82
C LEU B 79 15.81 -13.69 36.87
N GLU B 80 15.62 -14.68 37.73
CA GLU B 80 16.58 -14.99 38.75
C GLU B 80 17.87 -15.53 38.14
N LYS B 81 17.73 -16.39 37.13
CA LYS B 81 18.89 -16.96 36.47
C LYS B 81 19.73 -15.88 35.79
N LEU B 82 19.07 -15.03 35.02
CA LEU B 82 19.75 -13.94 34.32
C LEU B 82 20.46 -13.02 35.31
N ASP B 83 19.82 -12.77 36.45
CA ASP B 83 20.42 -11.94 37.49
C ASP B 83 21.75 -12.59 37.89
N ALA B 84 21.69 -13.86 38.27
CA ALA B 84 22.90 -14.58 38.67
C ALA B 84 23.92 -14.62 37.52
N ASP B 85 23.45 -14.77 36.28
CA ASP B 85 24.34 -14.83 35.14
C ASP B 85 25.01 -13.49 34.90
N LEU B 86 24.26 -12.41 35.07
CA LEU B 86 24.83 -11.09 34.90
C LEU B 86 25.94 -10.90 35.92
N GLN B 87 25.68 -11.33 37.16
CA GLN B 87 26.68 -11.19 38.21
C GLN B 87 27.87 -12.10 37.96
N ALA B 88 27.61 -13.37 37.62
CA ALA B 88 28.70 -14.30 37.35
C ALA B 88 29.59 -13.71 36.27
N TYR B 89 28.99 -12.96 35.35
CA TYR B 89 29.72 -12.34 34.25
C TYR B 89 30.62 -11.19 34.72
N GLY B 90 30.32 -10.63 35.89
CA GLY B 90 31.13 -9.53 36.39
C GLY B 90 30.39 -8.21 36.45
N LEU B 91 29.09 -8.23 36.21
CA LEU B 91 28.28 -7.02 36.26
C LEU B 91 27.58 -6.95 37.61
N THR B 92 27.49 -5.75 38.16
CA THR B 92 26.81 -5.59 39.44
C THR B 92 25.34 -5.25 39.21
N THR B 93 24.48 -6.08 39.78
CA THR B 93 23.05 -5.92 39.63
C THR B 93 22.41 -5.20 40.80
N THR B 94 21.26 -4.57 40.52
CA THR B 94 20.48 -3.86 41.52
C THR B 94 19.04 -4.34 41.33
N ARG B 95 18.32 -4.53 42.43
CA ARG B 95 16.95 -5.01 42.35
C ARG B 95 15.92 -3.94 42.73
N ILE B 96 15.13 -3.53 41.74
CA ILE B 96 14.08 -2.54 41.95
C ILE B 96 12.83 -3.29 42.37
N PRO B 97 12.18 -2.85 43.46
CA PRO B 97 10.97 -3.49 43.99
C PRO B 97 9.71 -3.38 43.15
N ALA B 98 8.85 -4.39 43.25
CA ALA B 98 7.60 -4.40 42.53
C ALA B 98 6.82 -3.18 43.01
N GLY B 99 6.04 -2.56 42.13
CA GLY B 99 5.28 -1.39 42.54
C GLY B 99 6.03 -0.10 42.35
N GLU B 100 7.37 -0.13 42.38
CA GLU B 100 8.13 1.08 42.19
C GLU B 100 7.65 1.73 40.90
N MET B 101 7.29 0.89 39.93
CA MET B 101 6.75 1.35 38.66
C MET B 101 5.33 0.79 38.60
N LEU B 102 4.35 1.64 38.35
CA LEU B 102 2.96 1.18 38.28
C LEU B 102 2.79 -0.13 37.53
N GLU B 103 1.95 -0.99 38.07
CA GLU B 103 1.63 -2.28 37.46
C GLU B 103 2.85 -3.06 36.95
N THR B 104 3.98 -2.95 37.64
CA THR B 104 5.19 -3.62 37.21
C THR B 104 5.82 -4.40 38.37
N GLY B 105 6.29 -5.60 38.09
CA GLY B 105 6.92 -6.39 39.13
C GLY B 105 8.33 -5.90 39.38
N GLU B 106 9.08 -6.60 40.21
CA GLU B 106 10.44 -6.19 40.49
C GLU B 106 11.29 -6.29 39.22
N ARG B 107 12.36 -5.50 39.16
CA ARG B 107 13.22 -5.49 37.98
C ARG B 107 14.69 -5.60 38.35
N VAL B 108 15.45 -6.25 37.47
CA VAL B 108 16.89 -6.42 37.64
C VAL B 108 17.55 -5.34 36.77
N ARG B 109 18.21 -4.36 37.40
CA ARG B 109 18.86 -3.30 36.66
C ARG B 109 20.39 -3.38 36.71
N PHE B 110 21.02 -2.99 35.62
CA PHE B 110 22.47 -3.00 35.55
C PHE B 110 22.95 -2.01 34.51
N GLU B 111 24.19 -1.55 34.66
CA GLU B 111 24.77 -0.58 33.74
C GLU B 111 25.73 -1.23 32.77
N LEU B 112 25.57 -0.90 31.49
CA LEU B 112 26.44 -1.42 30.44
C LEU B 112 27.69 -0.57 30.37
N PRO B 113 28.76 -1.08 29.74
CA PRO B 113 30.03 -0.34 29.61
C PRO B 113 29.79 0.92 28.78
N SER B 114 28.72 0.92 27.99
CA SER B 114 28.37 2.05 27.15
C SER B 114 27.67 3.13 27.98
N GLY B 115 27.49 2.85 29.26
CA GLY B 115 26.84 3.79 30.16
C GLY B 115 25.33 3.71 30.31
N HIS B 116 24.67 2.92 29.46
CA HIS B 116 23.22 2.81 29.54
C HIS B 116 22.69 1.84 30.58
N LEU B 117 21.55 2.19 31.17
CA LEU B 117 20.92 1.34 32.18
C LEU B 117 19.90 0.38 31.55
N ILE B 118 20.08 -0.91 31.77
CA ILE B 118 19.16 -1.92 31.23
C ILE B 118 18.39 -2.62 32.34
N GLU B 119 17.10 -2.87 32.11
CA GLU B 119 16.27 -3.54 33.10
C GLU B 119 15.70 -4.83 32.52
N LEU B 120 15.44 -5.78 33.41
CA LEU B 120 14.85 -7.06 33.07
C LEU B 120 13.72 -7.27 34.07
N TYR B 121 12.55 -7.69 33.59
CA TYR B 121 11.43 -7.94 34.48
C TYR B 121 10.59 -9.06 33.92
N ALA B 122 9.92 -9.80 34.79
CA ALA B 122 9.10 -10.90 34.36
C ALA B 122 7.62 -10.58 34.41
N GLU B 123 7.24 -9.61 35.23
CA GLU B 123 5.83 -9.29 35.35
C GLU B 123 5.42 -7.83 35.16
N LYS B 124 4.29 -7.68 34.48
CA LYS B 124 3.66 -6.39 34.22
C LYS B 124 2.22 -6.74 33.85
N THR B 125 1.28 -6.13 34.55
CA THR B 125 -0.13 -6.38 34.36
C THR B 125 -0.58 -6.24 32.91
N CYS B 126 -1.28 -7.27 32.44
CA CYS B 126 -1.81 -7.29 31.10
C CYS B 126 -3.13 -6.53 31.14
N VAL B 127 -3.21 -5.43 30.40
CA VAL B 127 -4.43 -4.62 30.37
C VAL B 127 -5.25 -4.87 29.09
N GLY B 128 -4.64 -5.55 28.11
CA GLY B 128 -5.34 -5.83 26.87
C GLY B 128 -5.14 -4.74 25.84
N ASN B 129 -5.60 -4.98 24.60
CA ASN B 129 -5.47 -4.00 23.54
C ASN B 129 -6.79 -3.34 23.15
N GLY B 130 -7.66 -3.13 24.13
CA GLY B 130 -8.94 -2.48 23.87
C GLY B 130 -9.90 -3.24 22.96
N ILE B 131 -9.52 -4.46 22.59
CA ILE B 131 -10.35 -5.30 21.72
C ILE B 131 -10.66 -6.58 22.49
N SER B 132 -11.90 -7.05 22.38
CA SER B 132 -12.34 -8.26 23.08
C SER B 132 -11.45 -9.44 22.75
N GLU B 133 -11.45 -10.42 23.65
CA GLU B 133 -10.65 -11.63 23.46
C GLU B 133 -11.46 -12.70 22.74
N VAL B 134 -12.76 -12.45 22.60
CA VAL B 134 -13.66 -13.38 21.92
C VAL B 134 -14.16 -12.71 20.66
N ASN B 135 -14.04 -13.41 19.53
CA ASN B 135 -14.46 -12.89 18.24
C ASN B 135 -13.89 -11.47 18.09
N PRO B 136 -12.58 -11.30 18.30
CA PRO B 136 -11.90 -10.01 18.20
C PRO B 136 -11.80 -9.37 16.82
N ALA B 137 -12.09 -8.08 16.75
CA ALA B 137 -11.98 -7.34 15.49
C ALA B 137 -10.48 -7.20 15.22
N PRO B 138 -10.10 -6.84 13.98
CA PRO B 138 -8.68 -6.68 13.62
C PRO B 138 -8.10 -5.38 14.17
N TRP B 139 -8.98 -4.43 14.44
CA TRP B 139 -8.59 -3.14 14.99
C TRP B 139 -9.84 -2.34 15.33
N ASN B 140 -9.65 -1.21 15.99
CA ASN B 140 -10.75 -0.34 16.37
C ASN B 140 -10.27 1.10 16.26
N ALA B 141 -11.11 2.04 16.69
CA ALA B 141 -10.81 3.48 16.63
C ALA B 141 -9.42 3.95 17.09
N GLN B 142 -8.84 3.25 18.06
CA GLN B 142 -7.52 3.65 18.56
C GLN B 142 -6.45 3.61 17.48
N ARG B 143 -6.60 2.69 16.54
CA ARG B 143 -5.65 2.51 15.44
C ARG B 143 -5.51 3.76 14.60
N GLU B 144 -6.53 4.60 14.63
CA GLU B 144 -6.51 5.83 13.83
C GLU B 144 -6.44 7.12 14.65
N HIS B 145 -6.06 6.99 15.92
CA HIS B 145 -5.93 8.15 16.80
C HIS B 145 -4.45 8.53 16.82
N GLY B 146 -4.08 9.54 16.04
CA GLY B 146 -2.69 9.96 15.97
C GLY B 146 -1.95 8.95 15.11
N ILE B 147 -0.61 8.97 15.13
CA ILE B 147 0.15 8.01 14.35
C ILE B 147 -0.28 6.58 14.74
N ALA B 148 -0.44 6.38 16.04
CA ALA B 148 -0.90 5.10 16.61
C ALA B 148 -0.07 3.86 16.27
N PRO B 149 1.20 3.82 16.71
CA PRO B 149 2.09 2.68 16.44
C PRO B 149 1.63 1.37 17.07
N ILE B 150 2.13 0.28 16.53
CA ILE B 150 1.80 -1.07 16.95
C ILE B 150 2.54 -1.56 18.20
N GLN B 151 3.83 -1.28 18.27
CA GLN B 151 4.62 -1.73 19.41
C GLN B 151 5.93 -0.98 19.52
N LEU B 152 6.47 -1.00 20.74
CA LEU B 152 7.79 -0.42 21.00
C LEU B 152 8.65 -1.49 20.33
N ASP B 153 9.33 -1.14 19.26
CA ASP B 153 10.12 -2.12 18.52
C ASP B 153 11.53 -2.33 19.03
N HIS B 154 12.19 -1.24 19.41
CA HIS B 154 13.57 -1.28 19.89
C HIS B 154 14.00 0.14 20.21
N CYS B 155 15.31 0.31 20.32
CA CYS B 155 15.93 1.60 20.55
C CYS B 155 17.34 1.45 20.02
N LEU B 156 17.98 2.56 19.70
CA LEU B 156 19.34 2.53 19.23
C LEU B 156 20.07 3.41 20.23
N LEU B 157 21.12 2.86 20.83
CA LEU B 157 21.88 3.59 21.84
C LEU B 157 23.28 3.96 21.40
N TYR B 158 23.73 5.15 21.84
CA TYR B 158 25.06 5.64 21.51
C TYR B 158 25.93 5.51 22.76
N GLY B 159 26.99 4.71 22.66
CA GLY B 159 27.86 4.49 23.81
C GLY B 159 29.28 4.13 23.43
N PRO B 160 30.24 4.28 24.35
CA PRO B 160 31.65 3.99 24.15
C PRO B 160 32.19 2.56 24.00
N ASN B 161 31.67 1.61 24.75
CA ASN B 161 32.25 0.27 24.65
C ASN B 161 31.37 -0.80 24.02
N ILE B 162 30.93 -0.54 22.80
CA ILE B 162 30.06 -1.45 22.06
C ILE B 162 30.59 -2.88 22.04
N ALA B 163 31.89 -3.04 21.83
CA ALA B 163 32.51 -4.36 21.78
C ALA B 163 32.14 -5.22 22.98
N GLU B 164 32.33 -4.70 24.18
CA GLU B 164 32.00 -5.47 25.38
C GLU B 164 30.48 -5.56 25.57
N VAL B 165 29.75 -4.60 25.00
CA VAL B 165 28.30 -4.59 25.11
C VAL B 165 27.74 -5.78 24.33
N GLN B 166 28.35 -6.08 23.19
CA GLN B 166 27.92 -7.20 22.38
C GLN B 166 28.04 -8.48 23.20
N LYS B 167 29.19 -8.65 23.87
CA LYS B 167 29.44 -9.83 24.69
C LYS B 167 28.35 -10.07 25.72
N ILE B 168 28.04 -9.04 26.49
CA ILE B 168 27.01 -9.15 27.51
C ILE B 168 25.70 -9.65 26.89
N PHE B 169 25.27 -9.02 25.81
CA PHE B 169 24.01 -9.42 25.17
C PHE B 169 23.99 -10.79 24.52
N THR B 170 25.08 -11.16 23.83
CA THR B 170 25.10 -12.45 23.16
C THR B 170 25.48 -13.59 24.07
N GLU B 171 26.32 -13.31 25.05
CA GLU B 171 26.78 -14.36 25.95
C GLU B 171 25.99 -14.50 27.24
N VAL B 172 25.27 -13.45 27.64
CA VAL B 172 24.49 -13.51 28.87
C VAL B 172 22.97 -13.42 28.65
N LEU B 173 22.56 -12.52 27.76
CA LEU B 173 21.14 -12.28 27.49
C LEU B 173 20.48 -13.08 26.38
N GLY B 174 21.23 -13.94 25.71
CA GLY B 174 20.65 -14.75 24.65
C GLY B 174 20.28 -14.06 23.35
N PHE B 175 20.98 -12.97 23.04
CA PHE B 175 20.73 -12.23 21.80
C PHE B 175 21.75 -12.74 20.79
N TYR B 176 21.62 -12.30 19.54
CA TYR B 176 22.55 -12.68 18.50
C TYR B 176 22.67 -11.52 17.52
N LEU B 177 23.81 -11.44 16.84
CA LEU B 177 24.07 -10.36 15.90
C LEU B 177 23.34 -10.59 14.59
N VAL B 178 22.55 -9.61 14.17
CA VAL B 178 21.82 -9.72 12.90
C VAL B 178 22.56 -8.90 11.85
N GLU B 179 22.95 -7.70 12.23
CA GLU B 179 23.67 -6.82 11.32
C GLU B 179 24.72 -6.00 12.08
N ARG B 180 25.71 -5.52 11.34
CA ARG B 180 26.77 -4.69 11.92
C ARG B 180 27.37 -3.79 10.86
N VAL B 181 28.06 -2.76 11.34
CA VAL B 181 28.74 -1.82 10.46
C VAL B 181 30.21 -1.96 10.80
N LEU B 182 31.05 -2.08 9.78
CA LEU B 182 32.48 -2.22 10.03
C LEU B 182 33.14 -0.86 10.14
N SER B 183 34.26 -0.81 10.85
CA SER B 183 35.00 0.43 11.01
C SER B 183 35.79 0.62 9.72
N PRO B 184 36.47 1.77 9.58
CA PRO B 184 37.25 2.00 8.36
C PRO B 184 38.36 0.95 8.22
N ASP B 185 37.98 -0.22 7.71
CA ASP B 185 38.90 -1.34 7.51
C ASP B 185 39.56 -1.82 8.80
N GLY B 186 39.70 -0.93 9.78
CA GLY B 186 40.30 -1.31 11.05
C GLY B 186 39.43 -2.37 11.73
N ASP B 187 38.47 -2.87 10.96
CA ASP B 187 37.51 -3.88 11.38
C ASP B 187 37.16 -4.06 12.85
N SER B 188 36.26 -3.19 13.29
CA SER B 188 35.72 -3.17 14.64
C SER B 188 34.30 -2.69 14.38
N ASP B 189 33.32 -3.49 14.76
CA ASP B 189 31.93 -3.11 14.53
C ASP B 189 31.63 -1.73 15.11
N MET B 190 31.51 -0.73 14.24
CA MET B 190 31.20 0.64 14.65
C MET B 190 29.77 0.66 15.17
N GLY B 191 28.99 -0.34 14.77
CA GLY B 191 27.60 -0.42 15.19
C GLY B 191 27.10 -1.84 15.13
N ILE B 192 26.15 -2.18 15.99
CA ILE B 192 25.61 -3.52 16.02
C ILE B 192 24.08 -3.54 16.18
N TRP B 193 23.46 -4.52 15.54
CA TRP B 193 22.03 -4.73 15.59
C TRP B 193 21.82 -6.13 16.14
N LEU B 194 21.27 -6.20 17.35
CA LEU B 194 21.05 -7.46 18.05
C LEU B 194 19.57 -7.81 18.18
N SER B 195 19.28 -9.10 18.12
CA SER B 195 17.91 -9.61 18.24
C SER B 195 17.86 -10.69 19.30
N CYS B 196 16.71 -10.84 19.95
CA CYS B 196 16.54 -11.88 20.97
C CYS B 196 15.24 -12.61 20.61
N SER B 197 14.93 -12.57 19.32
CA SER B 197 13.70 -13.17 18.77
C SER B 197 13.97 -13.47 17.30
N HIS B 198 12.97 -13.30 16.46
CA HIS B 198 13.20 -13.48 15.04
C HIS B 198 12.96 -12.17 14.29
N LYS B 199 13.13 -11.07 15.03
CA LYS B 199 13.00 -9.72 14.47
C LYS B 199 14.41 -9.29 14.01
N VAL B 200 14.49 -8.31 13.12
CA VAL B 200 15.80 -7.86 12.64
C VAL B 200 16.62 -7.33 13.81
N HIS B 201 15.96 -6.67 14.76
CA HIS B 201 16.65 -6.20 15.95
C HIS B 201 15.73 -5.71 17.06
N ASP B 202 16.09 -6.10 18.28
CA ASP B 202 15.35 -5.73 19.50
C ASP B 202 16.07 -4.56 20.16
N ILE B 203 17.32 -4.34 19.76
CA ILE B 203 18.12 -3.23 20.28
C ILE B 203 19.37 -3.06 19.43
N ALA B 204 19.90 -1.85 19.41
CA ALA B 204 21.10 -1.60 18.63
C ALA B 204 22.02 -0.61 19.32
N PHE B 205 23.31 -0.74 19.02
CA PHE B 205 24.30 0.15 19.58
C PHE B 205 25.25 0.67 18.53
N VAL B 206 25.59 1.95 18.64
CA VAL B 206 26.55 2.60 17.75
C VAL B 206 27.67 3.11 18.68
N GLU B 207 28.91 2.85 18.29
CA GLU B 207 30.08 3.26 19.05
C GLU B 207 30.13 4.78 19.14
N TYR B 208 30.17 5.31 20.36
CA TYR B 208 30.20 6.76 20.56
C TYR B 208 30.99 7.11 21.82
N PRO B 209 31.72 8.25 21.81
CA PRO B 209 32.54 8.71 22.94
C PRO B 209 31.80 8.97 24.26
N GLU B 210 30.65 9.65 24.18
CA GLU B 210 29.87 9.96 25.36
C GLU B 210 28.96 8.78 25.67
N LYS B 211 29.02 8.30 26.91
CA LYS B 211 28.19 7.17 27.30
C LYS B 211 26.76 7.55 27.66
N GLY B 212 25.88 6.56 27.60
CA GLY B 212 24.48 6.77 27.96
C GLY B 212 23.60 7.58 27.04
N LYS B 213 24.06 7.84 25.82
CA LYS B 213 23.26 8.63 24.89
C LYS B 213 22.19 7.82 24.18
N LEU B 214 21.04 8.45 23.96
CA LEU B 214 19.91 7.83 23.27
C LEU B 214 19.77 8.37 21.86
N HIS B 215 19.95 7.52 20.85
CA HIS B 215 19.79 8.00 19.48
C HIS B 215 18.29 8.05 19.22
N HIS B 216 17.59 6.95 19.51
CA HIS B 216 16.15 6.93 19.31
C HIS B 216 15.43 5.68 19.81
N CYS B 217 14.16 5.84 20.14
CA CYS B 217 13.31 4.72 20.53
C CYS B 217 12.47 4.50 19.26
N SER B 218 12.22 3.24 18.92
CA SER B 218 11.49 2.93 17.69
C SER B 218 10.12 2.32 17.89
N PHE B 219 9.17 2.78 17.07
CA PHE B 219 7.81 2.28 17.12
C PHE B 219 7.44 1.66 15.77
N LEU B 220 6.81 0.49 15.81
CA LEU B 220 6.45 -0.22 14.58
C LEU B 220 5.09 0.15 14.01
N LEU B 221 5.05 0.32 12.68
CA LEU B 221 3.81 0.65 11.97
C LEU B 221 3.41 -0.54 11.10
N GLU B 222 2.17 -0.55 10.63
CA GLU B 222 1.61 -1.63 9.82
C GLU B 222 2.06 -1.74 8.34
N SER B 223 2.11 -0.62 7.64
CA SER B 223 2.48 -0.63 6.22
C SER B 223 3.23 0.63 5.80
N TRP B 224 3.68 0.65 4.54
CA TRP B 224 4.40 1.79 3.99
C TRP B 224 3.43 2.96 3.93
N GLU B 225 2.15 2.67 3.71
CA GLU B 225 1.17 3.76 3.65
C GLU B 225 0.98 4.36 5.05
N GLN B 226 1.22 3.57 6.09
CA GLN B 226 1.08 4.11 7.45
C GLN B 226 2.26 5.04 7.74
N VAL B 227 3.42 4.76 7.13
CA VAL B 227 4.58 5.63 7.33
C VAL B 227 4.26 6.95 6.65
N LEU B 228 3.62 6.86 5.48
CA LEU B 228 3.23 8.04 4.75
C LEU B 228 2.24 8.86 5.58
N ARG B 229 1.23 8.19 6.13
CA ARG B 229 0.24 8.89 6.95
C ARG B 229 0.92 9.55 8.14
N ALA B 230 1.86 8.84 8.77
CA ALA B 230 2.59 9.37 9.92
C ALA B 230 3.29 10.67 9.55
N GLY B 231 3.84 10.71 8.34
CA GLY B 231 4.52 11.91 7.90
C GLY B 231 3.56 13.08 7.80
N ASP B 232 2.33 12.83 7.31
CA ASP B 232 1.33 13.88 7.18
C ASP B 232 0.90 14.40 8.54
N ILE B 233 0.80 13.49 9.51
CA ILE B 233 0.40 13.89 10.84
C ILE B 233 1.53 14.68 11.50
N MET B 234 2.76 14.33 11.19
CA MET B 234 3.90 15.05 11.75
C MET B 234 3.87 16.46 11.19
N SER B 235 3.68 16.56 9.88
CA SER B 235 3.64 17.86 9.22
C SER B 235 2.51 18.73 9.73
N MET B 236 1.33 18.15 9.89
CA MET B 236 0.18 18.90 10.37
C MET B 236 0.33 19.38 11.82
N ASN B 237 1.14 18.68 12.61
CA ASN B 237 1.33 19.07 14.00
C ASN B 237 2.62 19.85 14.23
N GLU B 238 3.29 20.22 13.13
CA GLU B 238 4.54 20.98 13.19
C GLU B 238 5.71 20.25 13.84
N VAL B 239 5.68 18.93 13.77
CA VAL B 239 6.73 18.10 14.35
C VAL B 239 8.06 18.25 13.65
N ASN B 240 9.13 18.43 14.43
CA ASN B 240 10.45 18.56 13.84
C ASN B 240 10.92 17.19 13.37
N VAL B 241 10.97 17.04 12.05
CA VAL B 241 11.41 15.81 11.42
C VAL B 241 12.91 15.83 11.18
N ASP B 242 13.56 14.71 11.45
CA ASP B 242 15.01 14.61 11.27
C ASP B 242 15.30 14.23 9.83
N ILE B 243 14.93 13.01 9.47
CA ILE B 243 15.15 12.52 8.11
C ILE B 243 13.85 11.91 7.61
N GLY B 244 13.25 12.57 6.62
CA GLY B 244 11.97 12.15 6.03
C GLY B 244 11.80 10.67 5.78
N PRO B 245 10.64 10.23 5.27
CA PRO B 245 10.38 8.82 4.99
C PRO B 245 11.33 8.28 3.93
N THR B 246 11.93 7.12 4.18
CA THR B 246 12.87 6.56 3.23
C THR B 246 13.30 5.15 3.61
N ARG B 247 13.89 4.42 2.65
CA ARG B 247 14.36 3.07 2.89
C ARG B 247 15.70 3.11 3.62
N HIS B 248 15.84 2.29 4.64
CA HIS B 248 17.08 2.23 5.42
C HIS B 248 17.89 1.02 4.99
N GLY B 249 19.14 1.25 4.60
CA GLY B 249 19.99 0.16 4.17
C GLY B 249 19.92 -0.98 5.17
N VAL B 250 20.40 -0.71 6.38
CA VAL B 250 20.40 -1.71 7.44
C VAL B 250 18.96 -2.05 7.86
N THR B 251 18.67 -3.35 7.89
CA THR B 251 17.36 -3.89 8.27
C THR B 251 16.21 -3.66 7.27
N ARG B 252 16.53 -3.06 6.13
CA ARG B 252 15.52 -2.81 5.10
C ARG B 252 14.33 -1.99 5.60
N GLY B 253 14.53 -1.23 6.67
CA GLY B 253 13.43 -0.46 7.20
C GLY B 253 13.07 0.80 6.44
N CYS B 254 11.77 1.02 6.26
CA CYS B 254 11.23 2.19 5.59
C CYS B 254 10.76 3.04 6.77
N THR B 255 11.55 4.05 7.13
CA THR B 255 11.27 4.84 8.31
C THR B 255 11.29 6.36 8.22
N ILE B 256 10.94 6.97 9.34
CA ILE B 256 10.94 8.41 9.53
C ILE B 256 11.51 8.66 10.92
N TYR B 257 12.44 9.60 11.01
CA TYR B 257 13.04 9.99 12.27
C TYR B 257 12.50 11.38 12.54
N ALA B 258 12.00 11.60 13.75
CA ALA B 258 11.47 12.89 14.15
C ALA B 258 11.78 13.10 15.64
N TRP B 259 11.75 14.34 16.09
CA TRP B 259 12.03 14.66 17.48
C TRP B 259 10.76 15.08 18.22
N ASP B 260 10.66 14.70 19.48
CA ASP B 260 9.49 15.10 20.27
C ASP B 260 9.82 16.49 20.78
N PRO B 261 8.89 17.15 21.47
CA PRO B 261 9.14 18.50 21.99
C PRO B 261 10.47 18.66 22.72
N SER B 262 10.75 17.76 23.65
CA SER B 262 11.98 17.84 24.44
C SER B 262 13.28 17.55 23.70
N GLY B 263 13.19 17.13 22.44
CA GLY B 263 14.42 16.85 21.71
C GLY B 263 14.84 15.40 21.68
N ASN B 264 13.93 14.51 22.09
CA ASN B 264 14.20 13.08 22.06
C ASN B 264 13.82 12.58 20.67
N ARG B 265 14.73 11.88 20.02
CA ARG B 265 14.45 11.37 18.68
C ARG B 265 13.71 10.03 18.75
N PHE B 266 12.69 9.87 17.91
CA PHE B 266 11.95 8.63 17.86
C PHE B 266 11.79 8.21 16.40
N GLU B 267 11.39 6.96 16.17
CA GLU B 267 11.22 6.43 14.84
C GLU B 267 9.91 5.69 14.67
N THR B 268 9.30 5.85 13.50
CA THR B 268 8.07 5.14 13.16
C THR B 268 8.45 4.48 11.86
N PHE B 269 8.42 3.15 11.83
CA PHE B 269 8.81 2.42 10.64
C PHE B 269 8.05 1.11 10.49
N MET B 270 8.38 0.38 9.43
CA MET B 270 7.81 -0.92 9.15
C MET B 270 8.76 -1.57 8.16
N GLY B 271 8.72 -2.90 8.08
CA GLY B 271 9.60 -3.59 7.15
C GLY B 271 10.71 -4.33 7.86
N GLY B 272 11.46 -5.13 7.11
CA GLY B 272 12.55 -5.89 7.68
C GLY B 272 12.36 -7.38 7.40
N TYR B 273 13.45 -8.12 7.33
CA TYR B 273 13.36 -9.56 7.07
C TYR B 273 13.08 -10.35 8.35
N HIS B 274 13.22 -11.68 8.27
CA HIS B 274 12.92 -12.52 9.42
C HIS B 274 14.06 -13.42 9.83
N PRO B 275 15.05 -12.86 10.53
CA PRO B 275 16.20 -13.64 10.98
C PRO B 275 15.88 -14.58 12.13
N TYR B 276 16.72 -15.60 12.27
CA TYR B 276 16.58 -16.57 13.35
C TYR B 276 17.98 -16.82 13.88
N PRO B 277 18.08 -17.28 15.13
CA PRO B 277 19.34 -17.57 15.83
C PRO B 277 20.42 -18.27 14.98
N ASP B 278 20.00 -19.15 14.08
CA ASP B 278 20.97 -19.87 13.24
C ASP B 278 21.54 -19.09 12.06
N TYR B 279 21.07 -17.87 11.84
CA TYR B 279 21.54 -17.06 10.72
C TYR B 279 22.82 -16.29 11.02
N GLU B 280 23.63 -16.11 9.99
CA GLU B 280 24.86 -15.35 10.13
C GLU B 280 24.51 -13.90 9.87
N PRO B 281 25.08 -12.98 10.65
CA PRO B 281 24.79 -11.55 10.48
C PRO B 281 25.19 -11.00 9.12
N LEU B 282 24.61 -9.87 8.76
CA LEU B 282 24.91 -9.19 7.51
C LEU B 282 25.85 -8.06 7.91
N SER B 283 26.75 -7.66 7.03
CA SER B 283 27.69 -6.60 7.38
C SER B 283 27.66 -5.43 6.41
N TRP B 284 28.04 -4.26 6.90
CA TRP B 284 28.08 -3.05 6.09
C TRP B 284 29.44 -2.37 6.25
N THR B 285 30.06 -2.01 5.14
CA THR B 285 31.36 -1.35 5.19
C THR B 285 31.17 0.07 5.68
N TYR B 286 32.15 0.58 6.41
CA TYR B 286 32.09 1.93 6.95
C TYR B 286 31.65 2.95 5.91
N ASP B 287 32.25 2.89 4.73
CA ASP B 287 31.91 3.84 3.68
C ASP B 287 30.41 3.87 3.40
N ASN B 288 29.75 2.72 3.53
CA ASN B 288 28.31 2.67 3.29
C ASN B 288 27.60 3.30 4.48
N PHE B 289 28.09 3.01 5.68
CA PHE B 289 27.51 3.57 6.89
C PHE B 289 27.74 5.08 6.93
N ALA C 2 15.12 -14.98 23.70
CA ALA C 2 15.76 -15.73 22.58
C ALA C 2 14.85 -16.81 22.00
N MET C 3 15.12 -17.18 20.75
CA MET C 3 14.37 -18.25 20.09
C MET C 3 15.18 -19.53 20.33
N THR C 4 14.55 -20.50 21.00
CA THR C 4 15.19 -21.77 21.32
C THR C 4 14.26 -22.94 20.96
N GLY C 5 14.72 -24.17 21.20
CA GLY C 5 13.90 -25.34 20.90
C GLY C 5 13.49 -25.41 19.44
N VAL C 6 12.18 -25.47 19.19
CA VAL C 6 11.68 -25.53 17.81
C VAL C 6 11.63 -24.09 17.30
N LEU C 7 12.41 -23.79 16.27
CA LEU C 7 12.48 -22.43 15.73
C LEU C 7 11.39 -22.03 14.75
N ARG C 8 11.21 -22.82 13.69
CA ARG C 8 10.20 -22.48 12.71
C ARG C 8 9.96 -23.60 11.71
N PRO C 9 8.92 -23.45 10.87
CA PRO C 9 8.61 -24.45 9.85
C PRO C 9 9.85 -24.62 8.96
N GLY C 10 10.27 -25.87 8.77
CA GLY C 10 11.47 -26.10 7.97
C GLY C 10 11.21 -26.52 6.55
N HIS C 11 10.28 -27.44 6.36
CA HIS C 11 9.96 -27.90 5.03
C HIS C 11 8.65 -28.67 4.99
N ALA C 12 8.08 -28.75 3.80
CA ALA C 12 6.85 -29.48 3.59
C ALA C 12 7.07 -30.26 2.30
N GLN C 13 6.89 -31.57 2.35
CA GLN C 13 7.03 -32.36 1.13
C GLN C 13 5.60 -32.71 0.73
N VAL C 14 5.22 -32.25 -0.46
CA VAL C 14 3.88 -32.46 -0.96
C VAL C 14 3.88 -33.36 -2.17
N ARG C 15 2.79 -34.10 -2.35
CA ARG C 15 2.67 -35.00 -3.48
C ARG C 15 1.91 -34.34 -4.64
N VAL C 16 2.49 -34.43 -5.84
CA VAL C 16 1.87 -33.87 -7.03
C VAL C 16 1.59 -34.98 -8.04
N LEU C 17 0.59 -34.79 -8.87
CA LEU C 17 0.22 -35.77 -9.89
C LEU C 17 1.19 -35.77 -11.07
N ASN C 18 1.54 -34.58 -11.55
CA ASN C 18 2.49 -34.44 -12.66
C ASN C 18 3.68 -33.61 -12.21
N LEU C 19 4.80 -34.29 -12.02
CA LEU C 19 6.03 -33.64 -11.57
C LEU C 19 6.46 -32.47 -12.44
N GLU C 20 6.33 -32.62 -13.75
CA GLU C 20 6.74 -31.55 -14.67
C GLU C 20 5.94 -30.26 -14.53
N GLU C 21 4.62 -30.39 -14.43
CA GLU C 21 3.79 -29.20 -14.29
C GLU C 21 3.97 -28.62 -12.90
N GLY C 22 4.30 -29.49 -11.94
CA GLY C 22 4.52 -29.05 -10.58
C GLY C 22 5.73 -28.14 -10.53
N ILE C 23 6.77 -28.50 -11.27
CA ILE C 23 7.99 -27.71 -11.33
C ILE C 23 7.69 -26.34 -11.91
N HIS C 24 7.05 -26.33 -13.08
CA HIS C 24 6.69 -25.11 -13.77
C HIS C 24 5.87 -24.19 -12.88
N PHE C 25 4.79 -24.71 -12.34
CA PHE C 25 3.92 -23.92 -11.48
C PHE C 25 4.63 -23.32 -10.28
N TYR C 26 5.29 -24.16 -9.49
CA TYR C 26 5.98 -23.67 -8.31
C TYR C 26 7.20 -22.80 -8.59
N ARG C 27 7.84 -22.99 -9.73
CA ARG C 27 9.01 -22.18 -10.03
C ARG C 27 8.62 -20.88 -10.74
N ASN C 28 7.70 -20.99 -11.70
CA ASN C 28 7.27 -19.84 -12.49
C ASN C 28 6.01 -19.11 -12.01
N VAL C 29 5.10 -19.80 -11.36
CA VAL C 29 3.88 -19.15 -10.87
C VAL C 29 4.02 -18.65 -9.43
N LEU C 30 4.29 -19.57 -8.50
CA LEU C 30 4.44 -19.17 -7.10
C LEU C 30 5.73 -18.40 -6.91
N GLY C 31 6.75 -18.74 -7.69
CA GLY C 31 8.02 -18.05 -7.59
C GLY C 31 9.01 -18.62 -6.61
N LEU C 32 9.01 -19.94 -6.44
CA LEU C 32 9.96 -20.56 -5.53
C LEU C 32 11.25 -20.76 -6.32
N VAL C 33 12.38 -20.75 -5.61
CA VAL C 33 13.67 -20.95 -6.23
C VAL C 33 14.01 -22.43 -6.16
N GLU C 34 14.08 -23.09 -7.31
CA GLU C 34 14.42 -24.50 -7.32
C GLU C 34 15.86 -24.59 -6.87
N THR C 35 16.16 -25.48 -5.92
CA THR C 35 17.53 -25.61 -5.43
C THR C 35 18.10 -27.01 -5.54
N GLY C 36 17.37 -27.93 -6.17
CA GLY C 36 17.90 -29.27 -6.30
C GLY C 36 16.90 -30.34 -6.64
N ARG C 37 17.43 -31.48 -7.08
CA ARG C 37 16.62 -32.63 -7.46
C ARG C 37 17.44 -33.86 -7.07
N ASP C 38 16.88 -34.74 -6.24
CA ASP C 38 17.61 -35.92 -5.83
C ASP C 38 17.39 -37.13 -6.75
N ASP C 39 17.72 -38.30 -6.24
CA ASP C 39 17.61 -39.56 -6.96
C ASP C 39 16.21 -40.18 -6.95
N GLN C 40 15.39 -39.80 -5.97
CA GLN C 40 14.04 -40.35 -5.87
C GLN C 40 13.04 -39.60 -6.73
N GLY C 41 13.51 -38.57 -7.44
CA GLY C 41 12.62 -37.82 -8.30
C GLY C 41 11.85 -36.72 -7.59
N ARG C 42 12.46 -36.12 -6.59
CA ARG C 42 11.83 -35.03 -5.84
C ARG C 42 12.60 -33.74 -6.14
N VAL C 43 11.88 -32.66 -6.43
CA VAL C 43 12.54 -31.39 -6.72
C VAL C 43 12.43 -30.49 -5.50
N TYR C 44 13.54 -29.82 -5.18
CA TYR C 44 13.62 -28.95 -4.01
C TYR C 44 13.51 -27.46 -4.30
N PHE C 45 12.63 -26.79 -3.54
CA PHE C 45 12.41 -25.36 -3.68
C PHE C 45 12.55 -24.68 -2.32
N LYS C 46 12.66 -23.36 -2.36
CA LYS C 46 12.75 -22.56 -1.15
C LYS C 46 12.36 -21.14 -1.55
N CYS C 47 11.96 -20.34 -0.58
CA CYS C 47 11.59 -18.96 -0.89
C CYS C 47 12.89 -18.20 -1.06
N TRP C 48 12.91 -17.27 -2.00
CA TRP C 48 14.11 -16.50 -2.27
C TRP C 48 14.75 -15.83 -1.07
N ASP C 49 13.94 -15.31 -0.14
CA ASP C 49 14.51 -14.62 1.01
C ASP C 49 14.94 -15.52 2.17
N GLU C 50 14.58 -16.79 2.11
CA GLU C 50 14.99 -17.73 3.15
C GLU C 50 16.46 -17.99 2.90
N ARG C 51 17.12 -18.65 3.84
CA ARG C 51 18.54 -18.92 3.67
C ARG C 51 18.90 -20.39 3.52
N ASP C 52 18.05 -21.27 4.05
CA ASP C 52 18.31 -22.69 3.99
C ASP C 52 17.99 -23.29 2.62
N HIS C 53 18.67 -24.38 2.31
CA HIS C 53 18.52 -25.07 1.03
C HIS C 53 17.10 -25.30 0.51
N SER C 54 16.16 -25.65 1.38
CA SER C 54 14.80 -25.91 0.94
C SER C 54 13.72 -25.76 2.01
N CYS C 55 12.50 -25.48 1.58
CA CYS C 55 11.36 -25.35 2.49
C CYS C 55 10.16 -26.07 1.88
N TYR C 56 10.23 -26.34 0.58
CA TYR C 56 9.13 -27.02 -0.12
C TYR C 56 9.70 -28.06 -1.07
N ILE C 57 9.18 -29.27 -0.99
CA ILE C 57 9.64 -30.38 -1.83
C ILE C 57 8.46 -31.15 -2.41
N ILE C 58 8.41 -31.29 -3.73
CA ILE C 58 7.32 -32.02 -4.35
C ILE C 58 7.77 -33.37 -4.87
N ARG C 59 6.81 -34.29 -4.94
CA ARG C 59 7.09 -35.64 -5.40
C ARG C 59 5.89 -36.21 -6.15
N GLU C 60 6.14 -36.76 -7.35
CA GLU C 60 5.07 -37.33 -8.14
C GLU C 60 4.55 -38.61 -7.47
N ALA C 61 3.26 -38.64 -7.19
CA ALA C 61 2.64 -39.80 -6.57
C ALA C 61 1.24 -40.00 -7.14
N ASP C 62 0.60 -41.11 -6.78
CA ASP C 62 -0.73 -41.44 -7.26
C ASP C 62 -1.78 -40.45 -6.81
N THR C 63 -1.54 -39.83 -5.66
CA THR C 63 -2.49 -38.88 -5.10
C THR C 63 -1.81 -37.64 -4.54
N ALA C 64 -2.56 -36.54 -4.50
CA ALA C 64 -2.07 -35.28 -3.97
C ALA C 64 -2.14 -35.36 -2.46
N GLY C 65 -1.54 -34.38 -1.77
CA GLY C 65 -1.56 -34.39 -0.32
C GLY C 65 -0.18 -34.14 0.24
N ILE C 66 -0.04 -34.25 1.56
CA ILE C 66 1.23 -34.02 2.19
C ILE C 66 1.81 -35.29 2.82
N ASP C 67 3.10 -35.52 2.56
CA ASP C 67 3.81 -36.67 3.10
C ASP C 67 4.23 -36.34 4.52
N PHE C 68 4.88 -35.19 4.68
CA PHE C 68 5.30 -34.76 5.99
C PHE C 68 5.63 -33.27 6.08
N PHE C 69 5.66 -32.76 7.30
CA PHE C 69 5.94 -31.36 7.58
C PHE C 69 6.99 -31.30 8.69
N GLY C 70 8.16 -30.76 8.37
CA GLY C 70 9.22 -30.68 9.35
C GLY C 70 9.55 -29.29 9.89
N PHE C 71 10.04 -29.26 11.12
CA PHE C 71 10.41 -28.02 11.77
C PHE C 71 11.90 -28.03 12.05
N LYS C 72 12.56 -26.88 11.87
CA LYS C 72 13.97 -26.78 12.16
C LYS C 72 14.08 -26.42 13.64
N VAL C 73 14.99 -27.07 14.35
CA VAL C 73 15.17 -26.80 15.77
C VAL C 73 16.50 -26.06 15.96
N LEU C 74 16.71 -25.48 17.14
CA LEU C 74 17.93 -24.70 17.39
C LEU C 74 19.25 -25.42 17.13
N ASP C 75 19.48 -26.54 17.82
CA ASP C 75 20.73 -27.27 17.64
C ASP C 75 20.58 -28.78 17.84
N LYS C 76 21.65 -29.52 17.54
CA LYS C 76 21.65 -30.96 17.67
C LYS C 76 21.25 -31.39 19.08
N ALA C 77 21.87 -30.80 20.08
CA ALA C 77 21.55 -31.11 21.48
C ALA C 77 20.05 -30.95 21.69
N THR C 78 19.47 -29.97 21.01
CA THR C 78 18.04 -29.70 21.10
C THR C 78 17.29 -30.81 20.37
N LEU C 79 17.80 -31.20 19.20
CA LEU C 79 17.15 -32.26 18.44
C LEU C 79 17.11 -33.55 19.25
N GLU C 80 18.25 -33.92 19.83
CA GLU C 80 18.31 -35.15 20.64
C GLU C 80 17.39 -35.03 21.85
N LYS C 81 17.36 -33.83 22.43
CA LYS C 81 16.54 -33.56 23.60
C LYS C 81 15.04 -33.72 23.31
N LEU C 82 14.59 -33.09 22.23
CA LEU C 82 13.19 -33.17 21.86
C LEU C 82 12.76 -34.60 21.59
N ASP C 83 13.59 -35.32 20.84
CA ASP C 83 13.34 -36.71 20.48
C ASP C 83 13.13 -37.53 21.76
N ALA C 84 13.89 -37.20 22.79
CA ALA C 84 13.81 -37.89 24.07
C ALA C 84 12.48 -37.63 24.75
N ASP C 85 12.06 -36.37 24.77
CA ASP C 85 10.79 -35.99 25.40
C ASP C 85 9.60 -36.57 24.66
N LEU C 86 9.71 -36.70 23.34
CA LEU C 86 8.64 -37.25 22.53
C LEU C 86 8.43 -38.71 22.91
N GLN C 87 9.53 -39.43 23.06
CA GLN C 87 9.46 -40.85 23.43
C GLN C 87 8.95 -40.97 24.85
N ALA C 88 9.54 -40.21 25.76
CA ALA C 88 9.14 -40.22 27.16
C ALA C 88 7.65 -39.86 27.27
N TYR C 89 7.14 -39.13 26.29
CA TYR C 89 5.75 -38.73 26.29
C TYR C 89 4.86 -39.93 25.92
N GLY C 90 5.43 -40.83 25.14
CA GLY C 90 4.70 -42.01 24.71
C GLY C 90 4.72 -42.19 23.19
N LEU C 91 5.23 -41.19 22.49
CA LEU C 91 5.30 -41.23 21.03
C LEU C 91 6.52 -42.01 20.55
N THR C 92 6.31 -42.90 19.59
CA THR C 92 7.41 -43.67 19.03
C THR C 92 8.03 -42.77 17.98
N THR C 93 9.36 -42.72 17.93
CA THR C 93 10.04 -41.87 16.96
C THR C 93 10.91 -42.66 15.99
N THR C 94 11.05 -42.14 14.78
CA THR C 94 11.86 -42.77 13.77
C THR C 94 13.04 -41.83 13.48
N ARG C 95 14.21 -42.40 13.27
CA ARG C 95 15.39 -41.59 12.99
C ARG C 95 15.80 -41.69 11.53
N ILE C 96 15.53 -40.64 10.76
CA ILE C 96 15.90 -40.62 9.35
C ILE C 96 17.33 -40.09 9.27
N PRO C 97 18.23 -40.87 8.66
CA PRO C 97 19.64 -40.49 8.52
C PRO C 97 19.93 -39.25 7.66
N ALA C 98 21.08 -38.64 7.90
CA ALA C 98 21.49 -37.45 7.18
C ALA C 98 21.70 -37.79 5.70
N GLY C 99 21.32 -36.85 4.83
CA GLY C 99 21.48 -37.08 3.40
C GLY C 99 20.27 -37.71 2.73
N GLU C 100 19.42 -38.36 3.51
CA GLU C 100 18.22 -39.01 2.97
C GLU C 100 17.53 -37.97 2.11
N MET C 101 17.62 -36.71 2.55
CA MET C 101 17.08 -35.56 1.85
C MET C 101 18.29 -34.75 1.43
N LEU C 102 18.26 -34.24 0.20
CA LEU C 102 19.36 -33.44 -0.32
C LEU C 102 19.72 -32.30 0.63
N GLU C 103 21.02 -32.09 0.81
CA GLU C 103 21.54 -31.02 1.67
C GLU C 103 20.91 -30.93 3.05
N THR C 104 20.37 -32.04 3.54
CA THR C 104 19.71 -32.05 4.84
C THR C 104 20.32 -33.05 5.83
N GLY C 105 20.31 -32.69 7.11
CA GLY C 105 20.85 -33.56 8.14
C GLY C 105 19.81 -34.57 8.60
N GLU C 106 20.11 -35.33 9.65
CA GLU C 106 19.18 -36.33 10.16
C GLU C 106 17.94 -35.67 10.77
N ARG C 107 16.80 -36.32 10.63
CA ARG C 107 15.55 -35.79 11.17
C ARG C 107 14.91 -36.78 12.13
N VAL C 108 14.10 -36.26 13.04
CA VAL C 108 13.38 -37.09 13.99
C VAL C 108 11.93 -37.05 13.55
N ARG C 109 11.45 -38.15 12.98
CA ARG C 109 10.06 -38.20 12.50
C ARG C 109 9.12 -38.98 13.42
N PHE C 110 7.90 -38.49 13.55
CA PHE C 110 6.89 -39.12 14.38
C PHE C 110 5.50 -38.80 13.86
N GLU C 111 4.54 -39.69 14.08
CA GLU C 111 3.18 -39.49 13.60
C GLU C 111 2.30 -38.92 14.69
N LEU C 112 1.39 -38.03 14.29
CA LEU C 112 0.47 -37.40 15.24
C LEU C 112 -0.85 -38.16 15.31
N PRO C 113 -1.63 -37.90 16.35
CA PRO C 113 -2.93 -38.56 16.54
C PRO C 113 -3.82 -38.25 15.33
N SER C 114 -3.57 -37.07 14.74
CA SER C 114 -4.32 -36.61 13.60
C SER C 114 -3.89 -37.30 12.30
N GLY C 115 -2.90 -38.18 12.41
CA GLY C 115 -2.43 -38.92 11.26
C GLY C 115 -1.30 -38.30 10.46
N HIS C 116 -0.94 -37.05 10.77
CA HIS C 116 0.12 -36.38 10.04
C HIS C 116 1.51 -36.72 10.54
N LEU C 117 2.47 -36.82 9.62
CA LEU C 117 3.84 -37.11 9.97
C LEU C 117 4.60 -35.81 10.20
N ILE C 118 5.24 -35.69 11.37
CA ILE C 118 6.01 -34.50 11.72
C ILE C 118 7.49 -34.85 11.88
N GLU C 119 8.36 -33.96 11.40
CA GLU C 119 9.80 -34.16 11.54
C GLU C 119 10.43 -32.99 12.29
N LEU C 120 11.60 -33.24 12.85
CA LEU C 120 12.38 -32.25 13.58
C LEU C 120 13.81 -32.46 13.11
N TYR C 121 14.50 -31.38 12.77
CA TYR C 121 15.89 -31.49 12.34
C TYR C 121 16.69 -30.28 12.80
N ALA C 122 18.00 -30.45 12.91
CA ALA C 122 18.86 -29.35 13.35
C ALA C 122 19.74 -28.82 12.23
N GLU C 123 19.96 -29.61 11.19
CA GLU C 123 20.83 -29.15 10.12
C GLU C 123 20.23 -29.19 8.72
N LYS C 124 20.44 -28.10 8.00
CA LYS C 124 19.95 -27.92 6.64
C LYS C 124 20.99 -26.96 6.06
N THR C 125 21.63 -27.33 4.96
CA THR C 125 22.63 -26.45 4.40
C THR C 125 22.09 -25.04 4.15
N CYS C 126 22.92 -24.05 4.42
CA CYS C 126 22.57 -22.64 4.24
C CYS C 126 23.12 -22.17 2.90
N VAL C 127 22.22 -21.78 2.00
CA VAL C 127 22.62 -21.33 0.69
C VAL C 127 22.49 -19.82 0.51
N GLY C 128 21.83 -19.17 1.47
CA GLY C 128 21.65 -17.74 1.38
C GLY C 128 20.43 -17.31 0.58
N ASN C 129 20.15 -16.01 0.58
CA ASN C 129 19.00 -15.48 -0.14
C ASN C 129 19.34 -14.89 -1.51
N GLY C 130 20.47 -15.29 -2.07
CA GLY C 130 20.85 -14.80 -3.39
C GLY C 130 21.33 -13.36 -3.40
N ILE C 131 21.38 -12.73 -2.24
CA ILE C 131 21.84 -11.35 -2.14
C ILE C 131 23.14 -11.35 -1.37
N SER C 132 24.00 -10.37 -1.63
CA SER C 132 25.30 -10.29 -0.97
C SER C 132 25.22 -10.19 0.54
N GLU C 133 26.27 -10.69 1.20
CA GLU C 133 26.37 -10.67 2.64
C GLU C 133 27.00 -9.35 3.09
N VAL C 134 27.58 -8.62 2.14
CA VAL C 134 28.19 -7.34 2.45
C VAL C 134 27.45 -6.26 1.68
N ASN C 135 27.02 -5.21 2.38
CA ASN C 135 26.28 -4.12 1.75
C ASN C 135 25.20 -4.67 0.83
N PRO C 136 24.25 -5.44 1.39
CA PRO C 136 23.16 -6.05 0.61
C PRO C 136 22.14 -5.05 0.07
N ALA C 137 21.61 -5.35 -1.10
CA ALA C 137 20.58 -4.51 -1.71
C ALA C 137 19.30 -4.79 -0.94
N PRO C 138 18.27 -3.95 -1.11
CA PRO C 138 17.01 -4.20 -0.38
C PRO C 138 16.35 -5.50 -0.86
N TRP C 139 16.44 -5.73 -2.16
CA TRP C 139 15.88 -6.91 -2.80
C TRP C 139 16.45 -7.00 -4.20
N ASN C 140 16.09 -8.05 -4.92
CA ASN C 140 16.60 -8.22 -6.28
C ASN C 140 15.50 -8.69 -7.22
N ALA C 141 15.92 -9.13 -8.41
CA ALA C 141 15.00 -9.59 -9.45
C ALA C 141 14.15 -10.77 -8.98
N GLN C 142 14.70 -11.60 -8.11
CA GLN C 142 13.97 -12.78 -7.60
C GLN C 142 12.65 -12.37 -6.97
N ARG C 143 12.66 -11.25 -6.26
CA ARG C 143 11.48 -10.74 -5.56
C ARG C 143 10.28 -10.51 -6.48
N GLU C 144 10.52 -10.42 -7.77
CA GLU C 144 9.45 -10.19 -8.71
C GLU C 144 9.27 -11.30 -9.73
N HIS C 145 9.89 -12.45 -9.46
CA HIS C 145 9.77 -13.60 -10.35
C HIS C 145 8.59 -14.43 -9.84
N GLY C 146 7.44 -14.27 -10.47
CA GLY C 146 6.26 -14.99 -10.02
C GLY C 146 5.78 -14.32 -8.74
N ILE C 147 4.92 -14.97 -7.98
CA ILE C 147 4.41 -14.38 -6.75
C ILE C 147 5.60 -14.03 -5.84
N ALA C 148 6.52 -14.98 -5.71
CA ALA C 148 7.72 -14.80 -4.90
C ALA C 148 7.52 -14.53 -3.43
N PRO C 149 6.94 -15.49 -2.69
CA PRO C 149 6.73 -15.32 -1.25
C PRO C 149 8.06 -15.28 -0.49
N ILE C 150 8.04 -14.75 0.73
CA ILE C 150 9.23 -14.60 1.56
C ILE C 150 9.68 -15.79 2.43
N GLN C 151 8.72 -16.59 2.88
CA GLN C 151 9.05 -17.76 3.70
C GLN C 151 7.88 -18.71 3.77
N LEU C 152 8.18 -19.96 4.13
CA LEU C 152 7.14 -20.95 4.33
C LEU C 152 6.67 -20.51 5.70
N ASP C 153 5.46 -19.97 5.80
CA ASP C 153 4.94 -19.46 7.06
C ASP C 153 4.37 -20.51 8.00
N HIS C 154 3.55 -21.41 7.44
CA HIS C 154 2.93 -22.47 8.23
C HIS C 154 2.12 -23.37 7.32
N CYS C 155 1.28 -24.20 7.94
CA CYS C 155 0.39 -25.08 7.20
C CYS C 155 -0.75 -25.40 8.14
N LEU C 156 -1.90 -25.72 7.56
CA LEU C 156 -3.07 -26.07 8.36
C LEU C 156 -3.40 -27.52 8.01
N LEU C 157 -3.48 -28.36 9.04
CA LEU C 157 -3.75 -29.78 8.85
C LEU C 157 -5.13 -30.22 9.30
N TYR C 158 -5.70 -31.17 8.57
CA TYR C 158 -7.01 -31.73 8.90
C TYR C 158 -6.84 -33.15 9.40
N GLY C 159 -7.28 -33.42 10.61
CA GLY C 159 -7.16 -34.75 11.18
C GLY C 159 -7.91 -34.84 12.49
N PRO C 160 -8.12 -36.06 13.03
CA PRO C 160 -8.85 -36.26 14.29
C PRO C 160 -7.99 -36.08 15.55
N ASN C 161 -8.66 -35.86 16.67
CA ASN C 161 -8.01 -35.69 17.98
C ASN C 161 -7.09 -34.49 18.11
N ILE C 162 -7.63 -33.30 17.84
CA ILE C 162 -6.88 -32.05 17.92
C ILE C 162 -6.45 -31.75 19.35
N ALA C 163 -7.29 -32.14 20.31
CA ALA C 163 -7.01 -31.92 21.71
C ALA C 163 -5.67 -32.57 22.04
N GLU C 164 -5.52 -33.82 21.62
CA GLU C 164 -4.30 -34.56 21.87
C GLU C 164 -3.13 -33.96 21.11
N VAL C 165 -3.40 -33.47 19.89
CA VAL C 165 -2.36 -32.85 19.08
C VAL C 165 -1.84 -31.61 19.79
N GLN C 166 -2.77 -30.82 20.34
CA GLN C 166 -2.41 -29.60 21.05
C GLN C 166 -1.43 -29.93 22.18
N LYS C 167 -1.81 -30.86 23.05
CA LYS C 167 -0.99 -31.26 24.18
C LYS C 167 0.44 -31.61 23.77
N ILE C 168 0.61 -32.28 22.64
CA ILE C 168 1.94 -32.62 22.19
C ILE C 168 2.71 -31.35 21.87
N PHE C 169 2.13 -30.50 21.01
CA PHE C 169 2.79 -29.26 20.65
C PHE C 169 3.09 -28.32 21.80
N THR C 170 2.15 -28.18 22.74
CA THR C 170 2.36 -27.28 23.86
C THR C 170 3.14 -27.87 25.03
N GLU C 171 2.88 -29.13 25.35
CA GLU C 171 3.56 -29.77 26.47
C GLU C 171 4.93 -30.37 26.15
N VAL C 172 5.17 -30.70 24.88
CA VAL C 172 6.44 -31.29 24.51
C VAL C 172 7.31 -30.43 23.57
N LEU C 173 6.70 -29.83 22.56
CA LEU C 173 7.47 -29.04 21.60
C LEU C 173 7.55 -27.53 21.86
N GLY C 174 7.12 -27.10 23.04
CA GLY C 174 7.20 -25.69 23.38
C GLY C 174 6.36 -24.73 22.58
N PHE C 175 5.28 -25.21 21.97
CA PHE C 175 4.39 -24.31 21.22
C PHE C 175 3.40 -23.80 22.23
N TYR C 176 2.58 -22.82 21.83
CA TYR C 176 1.56 -22.25 22.68
C TYR C 176 0.38 -21.78 21.83
N LEU C 177 -0.83 -21.94 22.35
CA LEU C 177 -2.04 -21.57 21.63
C LEU C 177 -2.23 -20.05 21.49
N VAL C 178 -2.37 -19.57 20.27
CA VAL C 178 -2.57 -18.14 20.04
C VAL C 178 -4.05 -17.83 19.84
N GLU C 179 -4.71 -18.69 19.08
CA GLU C 179 -6.13 -18.56 18.81
C GLU C 179 -6.79 -19.92 18.63
N ARG C 180 -8.09 -19.96 18.86
CA ARG C 180 -8.84 -21.18 18.70
C ARG C 180 -10.27 -20.83 18.32
N VAL C 181 -10.89 -21.76 17.57
CA VAL C 181 -12.27 -21.59 17.18
C VAL C 181 -12.97 -22.68 17.98
N LEU C 182 -13.84 -22.26 18.89
CA LEU C 182 -14.58 -23.18 19.74
C LEU C 182 -15.63 -23.98 19.00
N SER C 183 -15.95 -25.15 19.55
CA SER C 183 -16.99 -26.00 18.98
C SER C 183 -18.29 -25.37 19.47
N PRO C 184 -19.45 -25.92 19.08
CA PRO C 184 -20.69 -25.31 19.56
C PRO C 184 -20.74 -25.35 21.10
N ASP C 185 -21.93 -25.44 21.69
CA ASP C 185 -22.01 -25.51 23.14
C ASP C 185 -21.23 -26.75 23.60
N GLY C 186 -21.06 -26.91 24.91
CA GLY C 186 -20.28 -28.05 25.39
C GLY C 186 -18.96 -27.86 24.70
N ASP C 187 -18.28 -26.78 25.07
CA ASP C 187 -17.02 -26.40 24.46
C ASP C 187 -15.82 -27.33 24.47
N SER C 188 -15.08 -27.19 23.37
CA SER C 188 -13.87 -27.92 23.07
C SER C 188 -13.40 -27.09 21.87
N ASP C 189 -12.22 -27.37 21.34
CA ASP C 189 -11.73 -26.58 20.21
C ASP C 189 -11.90 -27.29 18.88
N MET C 190 -12.51 -26.60 17.93
CA MET C 190 -12.71 -27.17 16.60
C MET C 190 -11.51 -26.78 15.72
N GLY C 191 -10.82 -25.74 16.15
CA GLY C 191 -9.65 -25.27 15.43
C GLY C 191 -8.64 -24.63 16.38
N ILE C 192 -7.35 -24.86 16.12
CA ILE C 192 -6.29 -24.29 16.94
C ILE C 192 -5.13 -23.77 16.09
N TRP C 193 -4.58 -22.63 16.51
CA TRP C 193 -3.45 -22.01 15.81
C TRP C 193 -2.30 -21.97 16.79
N LEU C 194 -1.23 -22.70 16.47
CA LEU C 194 -0.07 -22.78 17.35
C LEU C 194 1.17 -22.01 16.91
N SER C 195 1.86 -21.44 17.89
CA SER C 195 3.08 -20.68 17.64
C SER C 195 4.23 -21.19 18.49
N CYS C 196 5.42 -21.22 17.92
CA CYS C 196 6.62 -21.62 18.64
C CYS C 196 7.58 -20.43 18.56
N SER C 197 7.01 -19.24 18.39
CA SER C 197 7.78 -18.01 18.24
C SER C 197 6.91 -16.82 18.60
N HIS C 198 7.06 -15.72 17.89
CA HIS C 198 6.19 -14.57 18.13
C HIS C 198 5.39 -14.25 16.88
N LYS C 199 5.13 -15.29 16.11
CA LYS C 199 4.31 -15.23 14.89
C LYS C 199 2.92 -15.68 15.36
N VAL C 200 1.86 -15.25 14.68
CA VAL C 200 0.49 -15.64 15.04
C VAL C 200 0.34 -17.15 15.06
N HIS C 201 1.00 -17.82 14.12
CA HIS C 201 1.00 -19.29 14.11
C HIS C 201 2.01 -19.87 13.14
N ASP C 202 2.67 -20.94 13.59
CA ASP C 202 3.65 -21.65 12.80
C ASP C 202 2.97 -22.90 12.21
N ILE C 203 1.82 -23.24 12.78
CA ILE C 203 1.06 -24.39 12.31
C ILE C 203 -0.32 -24.36 12.96
N ALA C 204 -1.31 -24.93 12.28
CA ALA C 204 -2.67 -24.97 12.80
C ALA C 204 -3.33 -26.30 12.47
N PHE C 205 -4.30 -26.69 13.27
CA PHE C 205 -5.03 -27.95 13.09
C PHE C 205 -6.54 -27.74 13.21
N VAL C 206 -7.29 -28.43 12.36
CA VAL C 206 -8.75 -28.35 12.40
C VAL C 206 -9.28 -29.77 12.57
N GLU C 207 -10.21 -29.94 13.50
CA GLU C 207 -10.80 -31.25 13.79
C GLU C 207 -11.53 -31.82 12.58
N TYR C 208 -11.04 -32.94 12.09
CA TYR C 208 -11.63 -33.59 10.92
C TYR C 208 -11.59 -35.11 11.13
N PRO C 209 -12.69 -35.80 10.80
CA PRO C 209 -12.81 -37.26 10.94
C PRO C 209 -11.72 -38.05 10.22
N GLU C 210 -11.36 -37.62 9.02
CA GLU C 210 -10.35 -38.29 8.21
C GLU C 210 -8.98 -37.79 8.66
N LYS C 211 -7.99 -38.67 8.68
CA LYS C 211 -6.65 -38.27 9.11
C LYS C 211 -5.64 -38.06 8.01
N GLY C 212 -4.56 -37.37 8.36
CA GLY C 212 -3.48 -37.10 7.41
C GLY C 212 -3.81 -36.11 6.31
N LYS C 213 -4.91 -35.39 6.45
CA LYS C 213 -5.33 -34.44 5.42
C LYS C 213 -4.60 -33.10 5.49
N LEU C 214 -4.41 -32.51 4.32
CA LEU C 214 -3.73 -31.22 4.21
C LEU C 214 -4.69 -30.17 3.69
N HIS C 215 -4.97 -29.15 4.50
CA HIS C 215 -5.85 -28.09 4.03
C HIS C 215 -5.02 -27.16 3.16
N HIS C 216 -3.84 -26.77 3.67
CA HIS C 216 -2.97 -25.90 2.90
C HIS C 216 -1.63 -25.62 3.55
N CYS C 217 -0.66 -25.26 2.72
CA CYS C 217 0.67 -24.84 3.15
C CYS C 217 0.59 -23.33 2.91
N SER C 218 1.26 -22.53 3.72
CA SER C 218 1.16 -21.09 3.56
C SER C 218 2.47 -20.35 3.34
N PHE C 219 2.42 -19.35 2.48
CA PHE C 219 3.59 -18.56 2.15
C PHE C 219 3.37 -17.09 2.49
N LEU C 220 4.38 -16.48 3.11
CA LEU C 220 4.28 -15.10 3.55
C LEU C 220 4.65 -14.08 2.49
N LEU C 221 3.83 -13.02 2.40
CA LEU C 221 4.05 -11.92 1.47
C LEU C 221 4.37 -10.64 2.24
N GLU C 222 4.95 -9.66 1.55
CA GLU C 222 5.35 -8.40 2.16
C GLU C 222 4.24 -7.41 2.47
N SER C 223 3.28 -7.27 1.57
CA SER C 223 2.23 -6.31 1.79
C SER C 223 0.90 -6.70 1.18
N TRP C 224 -0.12 -5.89 1.44
CA TRP C 224 -1.47 -6.12 0.91
C TRP C 224 -1.41 -5.97 -0.62
N GLU C 225 -0.64 -5.02 -1.14
CA GLU C 225 -0.53 -4.88 -2.59
C GLU C 225 0.08 -6.15 -3.18
N GLN C 226 0.98 -6.81 -2.45
CA GLN C 226 1.59 -8.03 -2.97
C GLN C 226 0.53 -9.11 -3.08
N VAL C 227 -0.42 -9.09 -2.14
CA VAL C 227 -1.52 -10.05 -2.15
C VAL C 227 -2.37 -9.87 -3.41
N LEU C 228 -2.60 -8.61 -3.79
CA LEU C 228 -3.37 -8.31 -5.00
C LEU C 228 -2.56 -8.73 -6.22
N ARG C 229 -1.25 -8.51 -6.17
CA ARG C 229 -0.38 -8.89 -7.28
C ARG C 229 -0.44 -10.40 -7.44
N ALA C 230 -0.45 -11.13 -6.32
CA ALA C 230 -0.52 -12.59 -6.37
C ALA C 230 -1.83 -13.00 -7.05
N GLY C 231 -2.90 -12.29 -6.73
CA GLY C 231 -4.19 -12.57 -7.32
C GLY C 231 -4.12 -12.44 -8.83
N ASP C 232 -3.55 -11.34 -9.31
CA ASP C 232 -3.44 -11.11 -10.74
C ASP C 232 -2.62 -12.22 -11.40
N ILE C 233 -1.46 -12.53 -10.83
CA ILE C 233 -0.60 -13.59 -11.36
C ILE C 233 -1.34 -14.92 -11.47
N MET C 234 -2.16 -15.22 -10.48
CA MET C 234 -2.93 -16.45 -10.50
C MET C 234 -3.88 -16.43 -11.69
N SER C 235 -4.57 -15.31 -11.89
CA SER C 235 -5.50 -15.18 -13.00
C SER C 235 -4.79 -15.31 -14.33
N MET C 236 -3.68 -14.58 -14.49
CA MET C 236 -2.90 -14.63 -15.71
C MET C 236 -2.51 -16.07 -16.09
N ASN C 237 -2.30 -16.91 -15.07
CA ASN C 237 -1.93 -18.29 -15.33
C ASN C 237 -3.11 -19.25 -15.17
N GLU C 238 -4.31 -18.69 -15.11
CA GLU C 238 -5.53 -19.47 -14.96
C GLU C 238 -5.45 -20.46 -13.81
N VAL C 239 -4.96 -19.98 -12.67
CA VAL C 239 -4.86 -20.82 -11.48
C VAL C 239 -6.19 -20.76 -10.75
N ASN C 240 -6.69 -21.91 -10.31
CA ASN C 240 -7.95 -21.95 -9.59
C ASN C 240 -7.81 -21.34 -8.20
N VAL C 241 -8.55 -20.26 -7.98
CA VAL C 241 -8.52 -19.58 -6.69
C VAL C 241 -9.70 -20.02 -5.86
N ASP C 242 -9.43 -20.34 -4.60
CA ASP C 242 -10.45 -20.79 -3.66
C ASP C 242 -11.23 -19.58 -3.17
N ILE C 243 -10.62 -18.82 -2.25
CA ILE C 243 -11.29 -17.63 -1.73
C ILE C 243 -10.42 -16.42 -2.08
N GLY C 244 -10.96 -15.57 -2.96
CA GLY C 244 -10.25 -14.37 -3.42
C GLY C 244 -9.59 -13.57 -2.33
N PRO C 245 -8.87 -12.48 -2.68
CA PRO C 245 -8.20 -11.68 -1.66
C PRO C 245 -9.17 -11.20 -0.60
N THR C 246 -8.80 -11.42 0.66
CA THR C 246 -9.67 -11.03 1.75
C THR C 246 -8.94 -11.03 3.09
N ARG C 247 -9.69 -10.76 4.15
CA ARG C 247 -9.18 -10.72 5.51
C ARG C 247 -9.73 -11.91 6.28
N HIS C 248 -8.90 -12.52 7.12
CA HIS C 248 -9.34 -13.67 7.91
C HIS C 248 -10.15 -13.32 9.15
N GLY C 249 -9.48 -12.76 10.14
CA GLY C 249 -10.15 -12.43 11.38
C GLY C 249 -9.47 -13.28 12.42
N VAL C 250 -9.43 -14.57 12.18
CA VAL C 250 -8.70 -15.48 12.97
C VAL C 250 -7.27 -15.33 12.42
N THR C 251 -6.50 -14.50 13.13
CA THR C 251 -5.11 -14.18 12.76
C THR C 251 -4.98 -12.81 12.16
N ARG C 252 -6.10 -12.27 11.67
CA ARG C 252 -6.10 -10.94 11.04
C ARG C 252 -5.40 -11.00 9.68
N GLY C 253 -4.92 -12.20 9.33
CA GLY C 253 -4.20 -12.36 8.09
C GLY C 253 -4.95 -12.05 6.80
N CYS C 254 -4.39 -11.19 5.98
CA CYS C 254 -5.00 -10.83 4.70
C CYS C 254 -4.44 -11.85 3.72
N THR C 255 -5.33 -12.62 3.11
CA THR C 255 -4.87 -13.71 2.27
C THR C 255 -5.73 -14.08 1.06
N ILE C 256 -5.22 -15.05 0.33
CA ILE C 256 -5.88 -15.65 -0.83
C ILE C 256 -5.50 -17.12 -0.83
N TYR C 257 -6.45 -17.98 -1.15
CA TYR C 257 -6.21 -19.41 -1.25
C TYR C 257 -6.42 -19.81 -2.70
N ALA C 258 -5.52 -20.64 -3.23
CA ALA C 258 -5.61 -21.13 -4.60
C ALA C 258 -5.10 -22.57 -4.61
N TRP C 259 -5.24 -23.24 -5.74
CA TRP C 259 -4.80 -24.63 -5.86
C TRP C 259 -3.68 -24.79 -6.88
N ASP C 260 -2.73 -25.68 -6.61
CA ASP C 260 -1.68 -25.93 -7.58
C ASP C 260 -2.29 -26.90 -8.59
N PRO C 261 -1.55 -27.28 -9.64
CA PRO C 261 -2.08 -28.20 -10.65
C PRO C 261 -2.57 -29.57 -10.17
N SER C 262 -2.13 -30.02 -9.00
CA SER C 262 -2.55 -31.33 -8.50
C SER C 262 -3.63 -31.26 -7.43
N GLY C 263 -4.20 -30.08 -7.22
CA GLY C 263 -5.26 -29.95 -6.22
C GLY C 263 -4.81 -29.61 -4.82
N ASN C 264 -3.51 -29.39 -4.63
CA ASN C 264 -2.97 -29.02 -3.32
C ASN C 264 -3.25 -27.54 -3.07
N ARG C 265 -3.96 -27.24 -2.00
CA ARG C 265 -4.25 -25.85 -1.68
C ARG C 265 -3.04 -25.17 -1.05
N PHE C 266 -2.77 -23.94 -1.49
CA PHE C 266 -1.67 -23.16 -0.94
C PHE C 266 -2.23 -21.79 -0.58
N GLU C 267 -1.48 -21.03 0.19
CA GLU C 267 -1.92 -19.70 0.61
C GLU C 267 -0.80 -18.68 0.52
N THR C 268 -1.18 -17.44 0.18
CA THR C 268 -0.24 -16.32 0.09
C THR C 268 -0.89 -15.20 0.90
N PHE C 269 -0.30 -14.87 2.05
CA PHE C 269 -0.86 -13.82 2.89
C PHE C 269 0.22 -12.99 3.56
N MET C 270 -0.23 -12.05 4.38
CA MET C 270 0.63 -11.18 5.15
C MET C 270 -0.22 -10.51 6.21
N GLY C 271 0.42 -9.98 7.25
CA GLY C 271 -0.33 -9.34 8.32
C GLY C 271 -0.54 -10.24 9.53
N GLY C 272 -0.94 -9.62 10.63
CA GLY C 272 -1.17 -10.36 11.86
C GLY C 272 -0.55 -9.58 12.99
N TYR C 273 -0.96 -9.87 14.22
CA TYR C 273 -0.40 -9.18 15.37
C TYR C 273 0.89 -9.83 15.81
N HIS C 274 1.32 -9.55 17.04
CA HIS C 274 2.59 -10.10 17.51
C HIS C 274 2.56 -10.76 18.87
N PRO C 275 1.98 -11.97 18.94
CA PRO C 275 1.88 -12.70 20.20
C PRO C 275 3.22 -13.20 20.73
N TYR C 276 3.26 -13.35 22.05
CA TYR C 276 4.42 -13.86 22.76
C TYR C 276 3.87 -14.91 23.73
N PRO C 277 4.71 -15.85 24.20
CA PRO C 277 4.32 -16.92 25.12
C PRO C 277 3.59 -16.47 26.39
N ASP C 278 3.76 -15.22 26.79
CA ASP C 278 3.09 -14.75 27.99
C ASP C 278 1.65 -14.31 27.74
N TYR C 279 1.21 -14.39 26.48
CA TYR C 279 -0.15 -13.99 26.08
C TYR C 279 -1.20 -15.08 26.18
N GLU C 280 -2.42 -14.68 26.54
CA GLU C 280 -3.53 -15.61 26.63
C GLU C 280 -4.13 -15.70 25.22
N PRO C 281 -4.58 -16.89 24.84
CA PRO C 281 -5.17 -17.12 23.51
C PRO C 281 -6.45 -16.32 23.23
N LEU C 282 -6.75 -16.15 21.95
CA LEU C 282 -7.95 -15.44 21.54
C LEU C 282 -8.98 -16.51 21.16
N SER C 283 -10.25 -16.24 21.41
CA SER C 283 -11.26 -17.24 21.10
C SER C 283 -12.34 -16.79 20.12
N TRP C 284 -12.77 -17.71 19.29
CA TRP C 284 -13.83 -17.43 18.33
C TRP C 284 -14.97 -18.41 18.60
N THR C 285 -16.20 -17.92 18.57
CA THR C 285 -17.37 -18.77 18.81
C THR C 285 -17.75 -19.47 17.51
N TYR C 286 -18.20 -20.71 17.62
CA TYR C 286 -18.59 -21.47 16.45
C TYR C 286 -19.63 -20.73 15.63
N ASP C 287 -20.63 -20.16 16.30
CA ASP C 287 -21.69 -19.43 15.61
C ASP C 287 -21.14 -18.28 14.80
N ASN C 288 -20.08 -17.64 15.28
CA ASN C 288 -19.47 -16.51 14.58
C ASN C 288 -18.29 -16.96 13.73
N PHE C 289 -18.29 -18.24 13.39
CA PHE C 289 -17.21 -18.83 12.59
C PHE C 289 -16.97 -18.13 11.24
N ALA C 290 -18.04 -17.83 10.52
CA ALA C 290 -17.94 -17.17 9.22
C ALA C 290 -17.00 -15.96 9.25
N GLN C 291 -17.31 -14.99 10.12
CA GLN C 291 -16.48 -13.79 10.25
C GLN C 291 -15.04 -14.12 10.61
N GLY C 292 -14.85 -15.22 11.33
CA GLY C 292 -13.51 -15.62 11.72
C GLY C 292 -12.70 -16.09 10.51
N LEU C 293 -13.38 -16.69 9.56
CA LEU C 293 -12.76 -17.22 8.34
C LEU C 293 -12.63 -16.14 7.25
N ASP C 294 -13.64 -15.28 7.15
CA ASP C 294 -13.63 -14.18 6.18
C ASP C 294 -14.20 -12.98 6.93
N TYR C 295 -13.34 -12.07 7.35
CA TYR C 295 -13.79 -10.91 8.12
C TYR C 295 -14.75 -9.95 7.39
N PRO C 296 -14.29 -9.31 6.30
CA PRO C 296 -15.18 -8.38 5.59
C PRO C 296 -16.60 -8.88 5.33
N GLN C 297 -16.74 -10.18 5.06
CA GLN C 297 -18.04 -10.78 4.79
C GLN C 297 -18.47 -11.76 5.90
N ALA D 2 -8.87 20.21 -22.62
CA ALA D 2 -9.85 20.86 -21.71
C ALA D 2 -11.07 19.99 -21.44
N MET D 3 -11.61 20.10 -20.24
CA MET D 3 -12.82 19.37 -19.88
C MET D 3 -13.97 20.33 -20.19
N THR D 4 -14.86 19.92 -21.08
CA THR D 4 -16.01 20.75 -21.45
C THR D 4 -17.24 19.85 -21.52
N GLY D 5 -18.35 20.39 -22.03
CA GLY D 5 -19.56 19.62 -22.13
C GLY D 5 -19.96 19.07 -20.76
N VAL D 6 -20.25 17.78 -20.69
CA VAL D 6 -20.61 17.16 -19.43
C VAL D 6 -19.30 16.90 -18.68
N LEU D 7 -19.20 17.43 -17.48
CA LEU D 7 -17.96 17.29 -16.71
C LEU D 7 -17.81 16.04 -15.86
N ARG D 8 -18.81 15.73 -15.05
CA ARG D 8 -18.70 14.59 -14.16
C ARG D 8 -20.04 14.24 -13.52
N PRO D 9 -20.10 13.06 -12.86
CA PRO D 9 -21.34 12.65 -12.20
C PRO D 9 -21.57 13.73 -11.13
N GLY D 10 -22.78 14.26 -11.03
CA GLY D 10 -23.05 15.31 -10.05
C GLY D 10 -23.79 14.84 -8.81
N HIS D 11 -24.78 13.98 -8.99
CA HIS D 11 -25.52 13.45 -7.86
C HIS D 11 -26.41 12.28 -8.19
N ALA D 12 -26.64 11.45 -7.18
CA ALA D 12 -27.51 10.30 -7.31
C ALA D 12 -28.48 10.45 -6.15
N GLN D 13 -29.76 10.35 -6.43
CA GLN D 13 -30.76 10.42 -5.38
C GLN D 13 -31.34 9.03 -5.29
N VAL D 14 -31.15 8.40 -4.15
CA VAL D 14 -31.58 7.02 -3.93
C VAL D 14 -32.70 6.92 -2.89
N ARG D 15 -33.53 5.91 -3.05
CA ARG D 15 -34.65 5.69 -2.14
C ARG D 15 -34.26 4.71 -1.04
N VAL D 16 -34.53 5.07 0.21
CA VAL D 16 -34.23 4.21 1.35
C VAL D 16 -35.53 3.88 2.08
N LEU D 17 -35.63 2.65 2.57
CA LEU D 17 -36.80 2.20 3.31
C LEU D 17 -36.94 2.85 4.69
N ASN D 18 -35.83 3.33 5.23
CA ASN D 18 -35.84 3.98 6.55
C ASN D 18 -34.83 5.12 6.57
N LEU D 19 -35.32 6.36 6.55
CA LEU D 19 -34.45 7.53 6.54
C LEU D 19 -33.43 7.53 7.68
N GLU D 20 -33.89 7.19 8.87
CA GLU D 20 -33.03 7.18 10.05
C GLU D 20 -31.83 6.26 9.89
N GLU D 21 -32.08 5.00 9.56
CA GLU D 21 -31.00 4.03 9.36
C GLU D 21 -30.12 4.47 8.20
N GLY D 22 -30.72 5.15 7.23
CA GLY D 22 -29.97 5.62 6.07
C GLY D 22 -29.03 6.75 6.45
N ILE D 23 -29.52 7.65 7.29
CA ILE D 23 -28.71 8.76 7.72
C ILE D 23 -27.49 8.26 8.49
N HIS D 24 -27.71 7.35 9.42
CA HIS D 24 -26.61 6.80 10.22
C HIS D 24 -25.59 6.02 9.40
N PHE D 25 -26.08 5.18 8.51
CA PHE D 25 -25.22 4.36 7.67
C PHE D 25 -24.29 5.17 6.76
N TYR D 26 -24.89 6.08 6.00
CA TYR D 26 -24.13 6.91 5.08
C TYR D 26 -23.25 7.93 5.77
N ARG D 27 -23.72 8.45 6.88
CA ARG D 27 -22.95 9.45 7.59
C ARG D 27 -21.85 8.88 8.47
N ASN D 28 -22.06 7.67 9.01
CA ASN D 28 -21.07 7.10 9.89
C ASN D 28 -20.38 5.82 9.43
N VAL D 29 -20.98 5.07 8.53
CA VAL D 29 -20.33 3.87 8.05
C VAL D 29 -19.56 4.22 6.79
N LEU D 30 -20.26 4.70 5.76
CA LEU D 30 -19.58 5.07 4.52
C LEU D 30 -18.76 6.34 4.72
N GLY D 31 -19.17 7.15 5.71
CA GLY D 31 -18.44 8.37 5.97
C GLY D 31 -18.65 9.53 5.01
N LEU D 32 -19.89 9.73 4.56
CA LEU D 32 -20.18 10.86 3.69
C LEU D 32 -20.42 12.01 4.66
N VAL D 33 -20.41 13.24 4.14
CA VAL D 33 -20.63 14.42 4.96
C VAL D 33 -22.01 14.98 4.67
N GLU D 34 -22.85 15.06 5.70
CA GLU D 34 -24.20 15.60 5.50
C GLU D 34 -24.12 17.11 5.34
N THR D 35 -24.78 17.63 4.30
CA THR D 35 -24.74 19.06 4.02
C THR D 35 -26.09 19.75 4.07
N GLY D 36 -27.15 18.98 4.30
CA GLY D 36 -28.47 19.59 4.36
C GLY D 36 -29.64 18.64 4.31
N ARG D 37 -30.81 19.20 4.58
CA ARG D 37 -32.08 18.47 4.57
C ARG D 37 -33.11 19.48 4.07
N ASP D 38 -34.06 19.04 3.24
CA ASP D 38 -35.06 19.97 2.74
C ASP D 38 -36.44 19.76 3.34
N ASP D 39 -37.37 20.66 3.01
CA ASP D 39 -38.73 20.56 3.54
C ASP D 39 -39.48 19.39 2.91
N GLN D 40 -38.78 18.59 2.12
CA GLN D 40 -39.38 17.43 1.47
C GLN D 40 -38.88 16.14 2.13
N GLY D 41 -38.06 16.28 3.16
CA GLY D 41 -37.53 15.12 3.85
C GLY D 41 -36.39 14.40 3.16
N ARG D 42 -35.56 15.14 2.42
CA ARG D 42 -34.41 14.53 1.74
C ARG D 42 -33.14 14.97 2.46
N VAL D 43 -32.19 14.05 2.59
CA VAL D 43 -30.92 14.36 3.25
C VAL D 43 -29.85 14.42 2.17
N TYR D 44 -29.03 15.47 2.24
CA TYR D 44 -27.97 15.70 1.28
C TYR D 44 -26.59 15.36 1.85
N PHE D 45 -25.80 14.67 1.04
CA PHE D 45 -24.43 14.28 1.41
C PHE D 45 -23.48 14.60 0.28
N LYS D 46 -22.19 14.74 0.61
CA LYS D 46 -21.14 14.98 -0.37
C LYS D 46 -19.94 14.22 0.17
N CYS D 47 -19.02 13.85 -0.70
CA CYS D 47 -17.83 13.17 -0.22
C CYS D 47 -17.01 14.30 0.38
N TRP D 48 -16.26 14.01 1.44
CA TRP D 48 -15.49 15.04 2.11
C TRP D 48 -14.56 15.85 1.24
N ASP D 49 -13.89 15.20 0.28
CA ASP D 49 -12.94 15.92 -0.56
C ASP D 49 -13.53 16.53 -1.83
N GLU D 50 -14.85 16.51 -1.97
CA GLU D 50 -15.48 17.14 -3.14
C GLU D 50 -15.68 18.59 -2.73
N ARG D 51 -16.08 19.44 -3.66
CA ARG D 51 -16.30 20.84 -3.31
C ARG D 51 -17.76 21.26 -3.39
N ASP D 52 -18.55 20.57 -4.21
CA ASP D 52 -19.95 20.94 -4.34
C ASP D 52 -20.81 20.45 -3.17
N HIS D 53 -21.93 21.12 -2.96
CA HIS D 53 -22.84 20.84 -1.86
C HIS D 53 -23.37 19.41 -1.74
N SER D 54 -23.58 18.72 -2.86
CA SER D 54 -24.11 17.36 -2.78
C SER D 54 -23.74 16.43 -3.93
N CYS D 55 -23.67 15.14 -3.64
CA CYS D 55 -23.38 14.14 -4.68
C CYS D 55 -24.26 12.92 -4.45
N TYR D 56 -24.88 12.84 -3.28
CA TYR D 56 -25.74 11.70 -2.93
C TYR D 56 -26.89 12.18 -2.05
N ILE D 57 -28.11 11.97 -2.51
CA ILE D 57 -29.31 12.38 -1.78
C ILE D 57 -30.22 11.19 -1.48
N ILE D 58 -30.68 11.11 -0.23
CA ILE D 58 -31.56 10.03 0.22
C ILE D 58 -32.99 10.51 0.45
N ARG D 59 -33.94 9.68 0.05
CA ARG D 59 -35.37 9.96 0.19
C ARG D 59 -36.10 8.70 0.64
N GLU D 60 -36.78 8.77 1.79
CA GLU D 60 -37.50 7.62 2.30
C GLU D 60 -38.71 7.33 1.43
N ALA D 61 -38.80 6.10 0.94
CA ALA D 61 -39.90 5.67 0.08
C ALA D 61 -40.23 4.21 0.39
N ASP D 62 -41.25 3.68 -0.27
CA ASP D 62 -41.65 2.30 -0.04
C ASP D 62 -40.87 1.25 -0.83
N THR D 63 -39.91 1.69 -1.64
CA THR D 63 -39.08 0.78 -2.44
C THR D 63 -37.69 1.39 -2.64
N ALA D 64 -36.67 0.54 -2.51
CA ALA D 64 -35.29 1.00 -2.68
C ALA D 64 -35.08 1.26 -4.17
N GLY D 65 -33.87 1.70 -4.53
CA GLY D 65 -33.59 1.99 -5.93
C GLY D 65 -33.16 3.43 -6.18
N ILE D 66 -33.04 3.78 -7.45
CA ILE D 66 -32.62 5.12 -7.81
C ILE D 66 -33.75 5.95 -8.45
N ASP D 67 -33.90 7.19 -8.00
CA ASP D 67 -34.90 8.08 -8.57
C ASP D 67 -34.30 8.68 -9.83
N PHE D 68 -33.14 9.31 -9.67
CA PHE D 68 -32.46 9.90 -10.80
C PHE D 68 -30.95 10.07 -10.56
N PHE D 69 -30.22 10.31 -11.65
CA PHE D 69 -28.77 10.50 -11.62
C PHE D 69 -28.43 11.72 -12.46
N GLY D 70 -27.84 12.73 -11.84
CA GLY D 70 -27.50 13.95 -12.57
C GLY D 70 -26.02 14.12 -12.87
N PHE D 71 -25.73 14.91 -13.91
CA PHE D 71 -24.36 15.20 -14.32
C PHE D 71 -24.17 16.71 -14.35
N LYS D 72 -23.06 17.18 -13.79
CA LYS D 72 -22.77 18.62 -13.81
C LYS D 72 -22.10 18.94 -15.14
N VAL D 73 -22.52 20.04 -15.77
CA VAL D 73 -21.95 20.45 -17.04
C VAL D 73 -21.06 21.68 -16.84
N LEU D 74 -20.32 22.07 -17.87
CA LEU D 74 -19.40 23.19 -17.76
C LEU D 74 -20.01 24.50 -17.30
N ASP D 75 -21.03 24.95 -18.03
CA ASP D 75 -21.69 26.21 -17.69
C ASP D 75 -23.12 26.26 -18.24
N LYS D 76 -23.81 27.35 -17.95
CA LYS D 76 -25.19 27.53 -18.39
C LYS D 76 -25.38 27.40 -19.90
N ALA D 77 -24.52 28.05 -20.66
CA ALA D 77 -24.62 27.98 -22.13
C ALA D 77 -24.57 26.52 -22.56
N THR D 78 -23.68 25.75 -21.94
CA THR D 78 -23.54 24.34 -22.29
C THR D 78 -24.82 23.60 -21.91
N LEU D 79 -25.40 23.96 -20.78
CA LEU D 79 -26.63 23.30 -20.35
C LEU D 79 -27.71 23.51 -21.41
N GLU D 80 -27.89 24.76 -21.85
CA GLU D 80 -28.90 25.06 -22.85
C GLU D 80 -28.61 24.30 -24.14
N LYS D 81 -27.36 24.32 -24.55
CA LYS D 81 -26.91 23.63 -25.75
C LYS D 81 -27.30 22.16 -25.69
N LEU D 82 -26.95 21.52 -24.58
CA LEU D 82 -27.25 20.11 -24.39
C LEU D 82 -28.76 19.84 -24.42
N ASP D 83 -29.54 20.72 -23.79
CA ASP D 83 -30.99 20.56 -23.77
C ASP D 83 -31.52 20.57 -25.21
N ALA D 84 -31.05 21.52 -26.01
CA ALA D 84 -31.47 21.63 -27.40
C ALA D 84 -31.10 20.39 -28.21
N ASP D 85 -29.88 19.91 -28.03
CA ASP D 85 -29.45 18.72 -28.77
C ASP D 85 -30.25 17.47 -28.39
N LEU D 86 -30.57 17.32 -27.12
CA LEU D 86 -31.34 16.15 -26.69
C LEU D 86 -32.70 16.11 -27.39
N GLN D 87 -33.36 17.26 -27.45
CA GLN D 87 -34.68 17.34 -28.09
C GLN D 87 -34.55 17.18 -29.60
N ALA D 88 -33.49 17.75 -30.17
CA ALA D 88 -33.27 17.65 -31.60
C ALA D 88 -33.00 16.18 -31.93
N TYR D 89 -32.58 15.42 -30.93
CA TYR D 89 -32.29 14.00 -31.12
C TYR D 89 -33.57 13.18 -31.14
N GLY D 90 -34.62 13.73 -30.54
CA GLY D 90 -35.90 13.03 -30.49
C GLY D 90 -36.40 12.76 -29.09
N LEU D 91 -35.64 13.20 -28.09
CA LEU D 91 -36.02 12.98 -26.69
C LEU D 91 -36.83 14.16 -26.15
N THR D 92 -37.71 13.87 -25.19
CA THR D 92 -38.52 14.90 -24.56
C THR D 92 -37.80 15.32 -23.28
N THR D 93 -37.71 16.62 -23.06
CA THR D 93 -37.01 17.16 -21.89
C THR D 93 -37.93 17.93 -20.95
N THR D 94 -37.60 17.88 -19.66
CA THR D 94 -38.32 18.59 -18.63
C THR D 94 -37.31 19.47 -17.93
N ARG D 95 -37.73 20.67 -17.57
CA ARG D 95 -36.85 21.61 -16.90
C ARG D 95 -37.24 21.77 -15.43
N ILE D 96 -36.36 21.36 -14.53
CA ILE D 96 -36.60 21.49 -13.09
C ILE D 96 -35.97 22.80 -12.63
N PRO D 97 -36.76 23.69 -12.02
CA PRO D 97 -36.27 24.98 -11.56
C PRO D 97 -35.18 24.96 -10.49
N ALA D 98 -34.50 26.10 -10.37
CA ALA D 98 -33.44 26.26 -9.38
C ALA D 98 -34.05 26.25 -7.99
N GLY D 99 -33.43 25.50 -7.07
CA GLY D 99 -33.94 25.45 -5.71
C GLY D 99 -34.87 24.31 -5.39
N GLU D 100 -35.38 23.62 -6.40
CA GLU D 100 -36.25 22.48 -6.14
C GLU D 100 -35.38 21.54 -5.31
N MET D 101 -34.08 21.60 -5.57
CA MET D 101 -33.10 20.81 -4.82
C MET D 101 -32.27 21.85 -4.07
N LEU D 102 -31.99 21.60 -2.80
CA LEU D 102 -31.20 22.55 -2.01
C LEU D 102 -29.90 22.88 -2.71
N GLU D 103 -29.51 24.16 -2.63
CA GLU D 103 -28.27 24.67 -3.22
C GLU D 103 -28.01 24.27 -4.65
N THR D 104 -29.05 23.98 -5.42
CA THR D 104 -28.86 23.57 -6.81
C THR D 104 -29.62 24.46 -7.81
N GLY D 105 -29.04 24.63 -8.98
CA GLY D 105 -29.68 25.42 -10.01
C GLY D 105 -30.62 24.55 -10.83
N GLU D 106 -31.22 25.13 -11.87
CA GLU D 106 -32.14 24.38 -12.71
C GLU D 106 -31.46 23.16 -13.33
N ARG D 107 -32.27 22.15 -13.62
CA ARG D 107 -31.76 20.90 -14.20
C ARG D 107 -32.59 20.49 -15.41
N VAL D 108 -31.93 19.82 -16.34
CA VAL D 108 -32.58 19.31 -17.54
C VAL D 108 -32.75 17.82 -17.32
N ARG D 109 -33.99 17.34 -17.29
CA ARG D 109 -34.21 15.91 -17.07
C ARG D 109 -34.85 15.21 -18.25
N PHE D 110 -34.56 13.93 -18.37
CA PHE D 110 -35.12 13.13 -19.43
C PHE D 110 -34.99 11.67 -19.06
N GLU D 111 -35.76 10.82 -19.73
CA GLU D 111 -35.70 9.40 -19.46
C GLU D 111 -35.01 8.72 -20.63
N LEU D 112 -34.22 7.70 -20.32
CA LEU D 112 -33.49 6.93 -21.32
C LEU D 112 -34.35 5.75 -21.76
N PRO D 113 -34.03 5.13 -22.91
CA PRO D 113 -34.82 3.98 -23.38
C PRO D 113 -34.80 2.87 -22.33
N SER D 114 -33.78 2.87 -21.48
CA SER D 114 -33.64 1.85 -20.45
C SER D 114 -34.49 2.16 -19.21
N GLY D 115 -35.22 3.27 -19.26
CA GLY D 115 -36.08 3.66 -18.16
C GLY D 115 -35.48 4.48 -17.03
N HIS D 116 -34.20 4.85 -17.13
CA HIS D 116 -33.58 5.63 -16.07
C HIS D 116 -33.70 7.13 -16.28
N LEU D 117 -33.88 7.85 -15.17
CA LEU D 117 -33.98 9.30 -15.25
C LEU D 117 -32.58 9.90 -15.13
N ILE D 118 -32.22 10.75 -16.09
CA ILE D 118 -30.90 11.40 -16.07
C ILE D 118 -31.10 12.91 -16.03
N GLU D 119 -30.21 13.60 -15.32
CA GLU D 119 -30.30 15.06 -15.22
C GLU D 119 -28.97 15.70 -15.58
N LEU D 120 -29.05 16.95 -15.99
CA LEU D 120 -27.90 17.75 -16.34
C LEU D 120 -28.11 19.07 -15.61
N TYR D 121 -27.05 19.61 -15.02
CA TYR D 121 -27.14 20.90 -14.34
C TYR D 121 -25.80 21.60 -14.41
N ALA D 122 -25.84 22.93 -14.45
CA ALA D 122 -24.62 23.72 -14.56
C ALA D 122 -24.26 24.43 -13.26
N GLU D 123 -25.21 24.50 -12.34
CA GLU D 123 -24.96 25.22 -11.10
C GLU D 123 -25.34 24.50 -9.81
N LYS D 124 -24.39 24.49 -8.88
CA LYS D 124 -24.59 23.91 -7.57
C LYS D 124 -23.59 24.60 -6.66
N THR D 125 -24.08 25.07 -5.52
CA THR D 125 -23.22 25.78 -4.60
C THR D 125 -21.97 24.99 -4.22
N CYS D 126 -20.83 25.69 -4.29
CA CYS D 126 -19.56 25.10 -3.93
C CYS D 126 -19.40 25.41 -2.46
N VAL D 127 -19.18 24.39 -1.63
CA VAL D 127 -19.03 24.61 -0.20
C VAL D 127 -17.61 24.29 0.29
N GLY D 128 -16.81 23.66 -0.57
CA GLY D 128 -15.45 23.34 -0.18
C GLY D 128 -15.29 22.03 0.56
N ASN D 129 -14.04 21.62 0.80
CA ASN D 129 -13.76 20.36 1.49
C ASN D 129 -13.35 20.55 2.95
N GLY D 130 -13.60 21.72 3.51
CA GLY D 130 -13.24 21.95 4.90
C GLY D 130 -11.80 22.35 5.15
N ILE D 131 -10.95 22.14 4.16
CA ILE D 131 -9.53 22.50 4.28
C ILE D 131 -9.35 23.90 3.70
N SER D 132 -8.39 24.67 4.20
CA SER D 132 -8.21 26.03 3.70
C SER D 132 -7.71 26.11 2.26
N GLU D 133 -8.05 27.21 1.60
CA GLU D 133 -7.66 27.44 0.21
C GLU D 133 -6.25 27.99 0.16
N VAL D 134 -5.66 28.21 1.33
CA VAL D 134 -4.29 28.70 1.41
C VAL D 134 -3.46 27.78 2.28
N ASN D 135 -2.37 27.26 1.73
CA ASN D 135 -1.50 26.33 2.44
C ASN D 135 -2.32 25.22 3.07
N PRO D 136 -3.11 24.50 2.26
CA PRO D 136 -3.96 23.42 2.76
C PRO D 136 -3.22 22.27 3.44
N ALA D 137 -3.49 22.07 4.73
CA ALA D 137 -2.86 20.99 5.49
C ALA D 137 -3.05 19.69 4.70
N PRO D 138 -2.13 18.71 4.87
CA PRO D 138 -2.24 17.44 4.14
C PRO D 138 -3.68 16.95 4.01
N TRP D 139 -4.32 16.72 5.16
CA TRP D 139 -5.71 16.28 5.23
C TRP D 139 -6.21 16.44 6.66
N ASN D 140 -7.53 16.41 6.84
CA ASN D 140 -8.14 16.56 8.15
C ASN D 140 -8.65 15.24 8.71
N ALA D 141 -9.36 15.30 9.82
CA ALA D 141 -9.91 14.12 10.45
C ALA D 141 -11.02 13.46 9.62
N GLN D 142 -11.70 14.26 8.80
CA GLN D 142 -12.76 13.73 7.95
C GLN D 142 -12.23 12.54 7.14
N ARG D 143 -10.97 12.63 6.77
CA ARG D 143 -10.30 11.59 5.99
C ARG D 143 -10.49 10.20 6.58
N GLU D 144 -10.56 10.12 7.90
CA GLU D 144 -10.72 8.84 8.54
C GLU D 144 -12.04 8.63 9.25
N HIS D 145 -13.05 9.45 8.92
CA HIS D 145 -14.37 9.27 9.53
C HIS D 145 -15.12 8.22 8.71
N GLY D 146 -15.16 6.99 9.20
CA GLY D 146 -15.82 5.93 8.45
C GLY D 146 -15.04 5.64 7.19
N ILE D 147 -15.65 4.99 6.20
CA ILE D 147 -14.93 4.68 4.96
C ILE D 147 -14.35 5.95 4.33
N ALA D 148 -15.13 7.02 4.31
CA ALA D 148 -14.70 8.30 3.79
C ALA D 148 -14.19 8.33 2.35
N PRO D 149 -15.07 8.06 1.38
CA PRO D 149 -14.66 8.08 -0.03
C PRO D 149 -14.36 9.49 -0.51
N ILE D 150 -13.64 9.58 -1.62
CA ILE D 150 -13.21 10.84 -2.21
C ILE D 150 -14.22 11.53 -3.16
N GLN D 151 -14.98 10.74 -3.92
CA GLN D 151 -15.94 11.32 -4.85
C GLN D 151 -16.94 10.28 -5.32
N LEU D 152 -18.10 10.74 -5.77
CA LEU D 152 -19.10 9.86 -6.34
C LEU D 152 -18.41 9.58 -7.66
N ASP D 153 -18.02 8.34 -7.90
CA ASP D 153 -17.28 8.01 -9.12
C ASP D 153 -18.13 7.67 -10.33
N HIS D 154 -19.22 6.95 -10.10
CA HIS D 154 -20.10 6.57 -11.19
C HIS D 154 -21.25 5.76 -10.65
N CYS D 155 -21.99 5.14 -11.56
CA CYS D 155 -23.09 4.28 -11.18
C CYS D 155 -23.22 3.25 -12.30
N LEU D 156 -23.84 2.11 -11.98
CA LEU D 156 -24.03 1.08 -12.97
C LEU D 156 -25.54 0.85 -12.99
N LEU D 157 -26.13 1.04 -14.18
CA LEU D 157 -27.57 0.89 -14.36
C LEU D 157 -27.93 -0.32 -15.24
N TYR D 158 -29.01 -0.99 -14.84
CA TYR D 158 -29.54 -2.16 -15.53
C TYR D 158 -30.83 -1.78 -16.25
N GLY D 159 -30.95 -2.17 -17.51
CA GLY D 159 -32.15 -1.86 -18.26
C GLY D 159 -32.05 -2.35 -19.68
N PRO D 160 -33.14 -2.28 -20.45
CA PRO D 160 -33.13 -2.73 -21.85
C PRO D 160 -32.77 -1.58 -22.78
N ASN D 161 -32.46 -1.91 -24.04
CA ASN D 161 -32.12 -0.90 -25.04
C ASN D 161 -30.79 -0.20 -24.78
N ILE D 162 -29.83 -0.92 -24.22
CA ILE D 162 -28.52 -0.33 -23.93
C ILE D 162 -27.90 0.24 -25.20
N ALA D 163 -28.19 -0.39 -26.34
CA ALA D 163 -27.65 0.09 -27.61
C ALA D 163 -28.13 1.51 -27.89
N GLU D 164 -29.42 1.76 -27.66
CA GLU D 164 -29.99 3.09 -27.86
C GLU D 164 -29.41 4.07 -26.84
N VAL D 165 -29.17 3.59 -25.62
CA VAL D 165 -28.61 4.41 -24.55
C VAL D 165 -27.20 4.89 -24.91
N GLN D 166 -26.40 3.99 -25.47
CA GLN D 166 -25.03 4.32 -25.85
C GLN D 166 -24.99 5.45 -26.86
N LYS D 167 -25.86 5.39 -27.86
CA LYS D 167 -25.92 6.41 -28.90
C LYS D 167 -26.22 7.79 -28.33
N ILE D 168 -27.15 7.85 -27.38
CA ILE D 168 -27.51 9.12 -26.75
C ILE D 168 -26.31 9.75 -26.04
N PHE D 169 -25.59 8.93 -25.29
CA PHE D 169 -24.42 9.41 -24.56
C PHE D 169 -23.23 9.79 -25.43
N THR D 170 -22.96 9.02 -26.47
CA THR D 170 -21.83 9.32 -27.34
C THR D 170 -22.16 10.38 -28.39
N GLU D 171 -23.32 10.26 -29.02
CA GLU D 171 -23.71 11.20 -30.05
C GLU D 171 -24.25 12.52 -29.54
N VAL D 172 -24.92 12.50 -28.40
CA VAL D 172 -25.49 13.73 -27.86
C VAL D 172 -24.75 14.35 -26.68
N LEU D 173 -24.41 13.52 -25.71
CA LEU D 173 -23.76 13.98 -24.48
C LEU D 173 -22.24 14.10 -24.41
N GLY D 174 -21.54 13.62 -25.43
CA GLY D 174 -20.09 13.75 -25.43
C GLY D 174 -19.28 12.68 -24.75
N PHE D 175 -19.90 11.54 -24.44
CA PHE D 175 -19.16 10.44 -23.83
C PHE D 175 -18.58 9.57 -24.94
N TYR D 176 -17.72 8.65 -24.56
CA TYR D 176 -17.13 7.74 -25.52
C TYR D 176 -17.03 6.38 -24.83
N LEU D 177 -17.10 5.31 -25.61
CA LEU D 177 -17.04 3.96 -25.06
C LEU D 177 -15.61 3.58 -24.66
N VAL D 178 -15.40 3.26 -23.38
CA VAL D 178 -14.08 2.89 -22.89
C VAL D 178 -13.92 1.37 -22.88
N GLU D 179 -14.94 0.67 -22.41
CA GLU D 179 -14.92 -0.80 -22.38
C GLU D 179 -16.29 -1.37 -22.70
N ARG D 180 -16.30 -2.62 -23.19
CA ARG D 180 -17.54 -3.29 -23.54
C ARG D 180 -17.48 -4.78 -23.32
N VAL D 181 -18.64 -5.35 -23.07
CA VAL D 181 -18.79 -6.79 -22.91
C VAL D 181 -19.67 -7.22 -24.07
N LEU D 182 -19.11 -8.01 -24.97
CA LEU D 182 -19.86 -8.48 -26.14
C LEU D 182 -20.93 -9.46 -25.70
N SER D 183 -22.02 -9.53 -26.46
CA SER D 183 -23.09 -10.46 -26.15
C SER D 183 -22.74 -11.74 -26.90
N PRO D 184 -23.39 -12.87 -26.55
CA PRO D 184 -23.12 -14.15 -27.23
C PRO D 184 -23.55 -14.00 -28.69
N ASP D 185 -22.58 -14.00 -29.60
CA ASP D 185 -22.84 -13.84 -31.03
C ASP D 185 -24.18 -13.19 -31.34
N GLY D 186 -24.29 -11.92 -30.97
CA GLY D 186 -25.50 -11.17 -31.22
C GLY D 186 -25.06 -9.85 -31.81
N ASP D 187 -23.75 -9.62 -31.71
CA ASP D 187 -23.14 -8.41 -32.21
C ASP D 187 -23.78 -7.17 -31.58
N SER D 188 -24.11 -7.28 -30.29
CA SER D 188 -24.71 -6.19 -29.53
C SER D 188 -24.13 -6.28 -28.13
N ASP D 189 -23.43 -5.25 -27.70
CA ASP D 189 -22.81 -5.28 -26.37
C ASP D 189 -23.79 -5.52 -25.24
N MET D 190 -23.43 -6.44 -24.33
CA MET D 190 -24.22 -6.77 -23.15
C MET D 190 -23.97 -5.75 -22.05
N GLY D 191 -22.86 -5.03 -22.18
CA GLY D 191 -22.53 -4.02 -21.20
C GLY D 191 -21.61 -2.95 -21.75
N ILE D 192 -21.81 -1.71 -21.32
CA ILE D 192 -20.96 -0.62 -21.79
C ILE D 192 -20.47 0.28 -20.65
N TRP D 193 -19.20 0.67 -20.74
CA TRP D 193 -18.58 1.54 -19.76
C TRP D 193 -18.27 2.84 -20.50
N LEU D 194 -18.98 3.89 -20.12
CA LEU D 194 -18.85 5.20 -20.76
C LEU D 194 -18.15 6.29 -19.96
N SER D 195 -17.30 7.06 -20.63
CA SER D 195 -16.58 8.15 -20.00
C SER D 195 -16.82 9.48 -20.73
N CYS D 196 -16.86 10.57 -19.95
CA CYS D 196 -17.02 11.91 -20.51
C CYS D 196 -15.82 12.75 -20.07
N SER D 197 -14.72 12.05 -19.73
CA SER D 197 -13.49 12.69 -19.23
C SER D 197 -12.32 11.76 -19.53
N HIS D 198 -11.41 11.57 -18.56
CA HIS D 198 -10.35 10.60 -18.79
C HIS D 198 -10.34 9.55 -17.68
N LYS D 199 -11.52 9.32 -17.08
CA LYS D 199 -11.70 8.29 -16.05
C LYS D 199 -12.12 7.03 -16.80
N VAL D 200 -11.89 5.85 -16.22
CA VAL D 200 -12.28 4.61 -16.89
C VAL D 200 -13.75 4.63 -17.27
N HIS D 201 -14.56 5.27 -16.43
CA HIS D 201 -15.97 5.44 -16.72
C HIS D 201 -16.69 6.31 -15.70
N ASP D 202 -17.63 7.11 -16.19
CA ASP D 202 -18.43 7.99 -15.37
C ASP D 202 -19.81 7.39 -15.20
N ILE D 203 -20.10 6.40 -16.02
CA ILE D 203 -21.39 5.72 -15.97
C ILE D 203 -21.28 4.44 -16.77
N ALA D 204 -22.11 3.45 -16.44
CA ALA D 204 -22.11 2.18 -17.16
C ALA D 204 -23.49 1.58 -17.17
N PHE D 205 -23.76 0.80 -18.21
CA PHE D 205 -25.05 0.14 -18.39
C PHE D 205 -24.90 -1.32 -18.78
N VAL D 206 -25.81 -2.15 -18.28
CA VAL D 206 -25.81 -3.57 -18.61
C VAL D 206 -27.23 -3.89 -19.05
N GLU D 207 -27.34 -4.65 -20.14
CA GLU D 207 -28.61 -5.05 -20.69
C GLU D 207 -29.38 -5.88 -19.66
N TYR D 208 -30.66 -5.55 -19.46
CA TYR D 208 -31.49 -6.26 -18.50
C TYR D 208 -32.96 -6.07 -18.85
N PRO D 209 -33.77 -7.13 -18.73
CA PRO D 209 -35.21 -7.09 -19.03
C PRO D 209 -35.96 -5.97 -18.32
N GLU D 210 -35.78 -5.86 -17.00
CA GLU D 210 -36.44 -4.84 -16.21
C GLU D 210 -35.91 -3.44 -16.54
N LYS D 211 -36.79 -2.43 -16.48
CA LYS D 211 -36.39 -1.07 -16.78
C LYS D 211 -36.11 -0.25 -15.51
N GLY D 212 -35.25 0.75 -15.65
CA GLY D 212 -34.91 1.62 -14.54
C GLY D 212 -34.27 1.02 -13.30
N LYS D 213 -33.60 -0.12 -13.45
CA LYS D 213 -32.96 -0.75 -12.29
C LYS D 213 -31.55 -0.22 -12.01
N LEU D 214 -31.22 -0.17 -10.72
CA LEU D 214 -29.92 0.31 -10.24
C LEU D 214 -29.08 -0.84 -9.71
N HIS D 215 -27.88 -1.02 -10.25
CA HIS D 215 -27.00 -2.07 -9.76
C HIS D 215 -26.19 -1.49 -8.61
N HIS D 216 -25.64 -0.29 -8.81
CA HIS D 216 -24.88 0.34 -7.73
C HIS D 216 -24.37 1.73 -8.05
N CYS D 217 -24.13 2.50 -7.00
CA CYS D 217 -23.53 3.82 -7.12
C CYS D 217 -22.14 3.54 -6.59
N SER D 218 -21.11 4.13 -7.20
CA SER D 218 -19.76 3.85 -6.75
C SER D 218 -19.04 5.05 -6.14
N PHE D 219 -18.15 4.76 -5.19
CA PHE D 219 -17.37 5.77 -4.51
C PHE D 219 -15.88 5.40 -4.58
N LEU D 220 -15.06 6.40 -4.90
CA LEU D 220 -13.63 6.22 -5.05
C LEU D 220 -12.86 6.35 -3.74
N LEU D 221 -11.88 5.47 -3.57
CA LEU D 221 -11.01 5.45 -2.41
C LEU D 221 -9.62 5.78 -2.94
N GLU D 222 -8.67 6.03 -2.05
CA GLU D 222 -7.32 6.39 -2.47
C GLU D 222 -6.33 5.25 -2.76
N SER D 223 -6.51 4.10 -2.13
CA SER D 223 -5.57 3.01 -2.36
C SER D 223 -6.17 1.64 -2.09
N TRP D 224 -5.45 0.60 -2.52
CA TRP D 224 -5.87 -0.78 -2.32
C TRP D 224 -6.02 -1.03 -0.82
N GLU D 225 -5.19 -0.38 0.00
CA GLU D 225 -5.27 -0.56 1.44
C GLU D 225 -6.51 0.13 2.02
N GLN D 226 -6.95 1.21 1.38
CA GLN D 226 -8.15 1.87 1.85
C GLN D 226 -9.33 0.95 1.55
N VAL D 227 -9.18 0.13 0.52
CA VAL D 227 -10.23 -0.81 0.16
C VAL D 227 -10.33 -1.88 1.25
N LEU D 228 -9.17 -2.38 1.69
CA LEU D 228 -9.15 -3.37 2.76
C LEU D 228 -9.82 -2.77 4.01
N ARG D 229 -9.45 -1.54 4.33
CA ARG D 229 -9.98 -0.81 5.48
C ARG D 229 -11.50 -0.69 5.37
N ALA D 230 -12.01 -0.43 4.17
CA ALA D 230 -13.44 -0.29 3.96
C ALA D 230 -14.14 -1.61 4.29
N GLY D 231 -13.52 -2.72 3.89
CA GLY D 231 -14.10 -4.01 4.18
C GLY D 231 -14.15 -4.27 5.68
N ASP D 232 -13.06 -3.90 6.37
CA ASP D 232 -12.98 -4.07 7.83
C ASP D 232 -14.11 -3.29 8.49
N ILE D 233 -14.28 -2.04 8.09
CA ILE D 233 -15.33 -1.17 8.62
C ILE D 233 -16.73 -1.75 8.37
N MET D 234 -16.91 -2.35 7.20
CA MET D 234 -18.19 -2.97 6.86
C MET D 234 -18.49 -4.11 7.83
N SER D 235 -17.48 -4.95 8.06
CA SER D 235 -17.67 -6.08 8.98
C SER D 235 -17.99 -5.56 10.38
N MET D 236 -17.24 -4.55 10.83
CA MET D 236 -17.45 -3.97 12.15
C MET D 236 -18.87 -3.46 12.37
N ASN D 237 -19.48 -2.91 11.32
CA ASN D 237 -20.84 -2.39 11.44
C ASN D 237 -21.85 -3.38 10.90
N GLU D 238 -21.44 -4.64 10.84
CA GLU D 238 -22.29 -5.71 10.38
C GLU D 238 -22.98 -5.43 9.05
N VAL D 239 -22.29 -4.72 8.17
CA VAL D 239 -22.83 -4.40 6.85
C VAL D 239 -22.85 -5.68 6.00
N ASN D 240 -23.88 -5.85 5.18
CA ASN D 240 -23.98 -7.01 4.31
C ASN D 240 -23.10 -6.80 3.07
N VAL D 241 -22.07 -7.63 2.92
CA VAL D 241 -21.17 -7.51 1.79
C VAL D 241 -21.52 -8.47 0.67
N ASP D 242 -21.48 -7.96 -0.57
CA ASP D 242 -21.79 -8.73 -1.75
C ASP D 242 -20.57 -9.47 -2.29
N ILE D 243 -19.64 -8.74 -2.88
CA ILE D 243 -18.43 -9.37 -3.41
C ILE D 243 -17.22 -8.81 -2.65
N GLY D 244 -16.48 -9.73 -2.02
CA GLY D 244 -15.31 -9.36 -1.22
C GLY D 244 -14.28 -8.54 -1.96
N PRO D 245 -13.31 -7.94 -1.25
CA PRO D 245 -12.30 -7.12 -1.93
C PRO D 245 -11.63 -7.88 -3.05
N THR D 246 -11.71 -7.32 -4.25
CA THR D 246 -11.12 -7.97 -5.41
C THR D 246 -10.87 -6.97 -6.53
N ARG D 247 -10.41 -7.47 -7.66
CA ARG D 247 -10.14 -6.64 -8.82
C ARG D 247 -11.10 -6.95 -9.96
N HIS D 248 -11.63 -5.90 -10.58
CA HIS D 248 -12.54 -6.04 -11.71
C HIS D 248 -11.71 -6.22 -12.98
N GLY D 249 -12.09 -7.16 -13.82
CA GLY D 249 -11.37 -7.35 -15.07
C GLY D 249 -11.55 -6.06 -15.85
N VAL D 250 -12.81 -5.67 -16.02
CA VAL D 250 -13.13 -4.43 -16.73
C VAL D 250 -12.73 -3.28 -15.82
N THR D 251 -12.10 -2.25 -16.39
CA THR D 251 -11.67 -1.08 -15.62
C THR D 251 -10.38 -1.29 -14.83
N ARG D 252 -10.12 -2.52 -14.43
CA ARG D 252 -8.93 -2.86 -13.64
C ARG D 252 -9.14 -2.40 -12.20
N GLY D 253 -10.34 -1.90 -11.91
CA GLY D 253 -10.64 -1.41 -10.58
C GLY D 253 -10.67 -2.45 -9.46
N CYS D 254 -10.09 -2.09 -8.32
CA CYS D 254 -10.06 -2.94 -7.13
C CYS D 254 -11.22 -2.44 -6.30
N THR D 255 -12.16 -3.34 -6.01
CA THR D 255 -13.40 -2.96 -5.35
C THR D 255 -13.99 -3.89 -4.31
N ILE D 256 -15.09 -3.41 -3.74
CA ILE D 256 -15.91 -4.13 -2.78
C ILE D 256 -17.34 -3.66 -3.02
N TYR D 257 -18.28 -4.60 -3.15
CA TYR D 257 -19.69 -4.25 -3.33
C TYR D 257 -20.37 -4.62 -2.02
N ALA D 258 -21.19 -3.71 -1.49
CA ALA D 258 -21.91 -3.95 -0.26
C ALA D 258 -23.28 -3.26 -0.36
N TRP D 259 -24.20 -3.63 0.53
CA TRP D 259 -25.55 -3.05 0.52
C TRP D 259 -25.80 -2.15 1.73
N ASP D 260 -26.58 -1.09 1.52
CA ASP D 260 -26.92 -0.21 2.63
C ASP D 260 -28.12 -0.87 3.29
N PRO D 261 -28.62 -0.33 4.40
CA PRO D 261 -29.77 -0.88 5.12
C PRO D 261 -31.00 -1.20 4.26
N SER D 262 -31.23 -0.41 3.21
CA SER D 262 -32.39 -0.62 2.35
C SER D 262 -32.22 -1.61 1.20
N GLY D 263 -31.00 -2.12 1.00
CA GLY D 263 -30.79 -3.05 -0.10
C GLY D 263 -30.15 -2.41 -1.33
N ASN D 264 -29.79 -1.14 -1.23
CA ASN D 264 -29.14 -0.45 -2.33
C ASN D 264 -27.67 -0.84 -2.35
N ARG D 265 -27.17 -1.27 -3.50
CA ARG D 265 -25.77 -1.66 -3.57
C ARG D 265 -24.91 -0.44 -3.84
N PHE D 266 -23.79 -0.33 -3.12
CA PHE D 266 -22.86 0.76 -3.36
C PHE D 266 -21.50 0.11 -3.53
N GLU D 267 -20.54 0.85 -4.10
CA GLU D 267 -19.21 0.34 -4.32
C GLU D 267 -18.12 1.30 -3.83
N THR D 268 -17.04 0.71 -3.30
CA THR D 268 -15.89 1.48 -2.84
C THR D 268 -14.71 0.87 -3.58
N PHE D 269 -14.14 1.61 -4.52
CA PHE D 269 -13.02 1.08 -5.29
C PHE D 269 -11.99 2.17 -5.61
N MET D 270 -10.91 1.74 -6.24
CA MET D 270 -9.85 2.63 -6.68
C MET D 270 -9.08 1.94 -7.81
N GLY D 271 -8.23 2.67 -8.49
CA GLY D 271 -7.48 2.05 -9.57
C GLY D 271 -8.15 2.22 -10.92
N GLY D 272 -7.44 1.81 -11.95
CA GLY D 272 -7.95 1.92 -13.30
C GLY D 272 -6.97 2.71 -14.13
N TYR D 273 -6.97 2.48 -15.44
CA TYR D 273 -6.07 3.19 -16.33
C TYR D 273 -6.59 4.58 -16.67
N HIS D 274 -5.98 5.21 -17.65
CA HIS D 274 -6.35 6.57 -18.02
C HIS D 274 -6.72 6.76 -19.48
N PRO D 275 -7.96 6.41 -19.85
CA PRO D 275 -8.39 6.57 -21.23
C PRO D 275 -8.64 8.03 -21.63
N TYR D 276 -8.59 8.28 -22.94
CA TYR D 276 -8.83 9.59 -23.50
C TYR D 276 -9.73 9.34 -24.72
N PRO D 277 -10.48 10.36 -25.17
CA PRO D 277 -11.39 10.28 -26.32
C PRO D 277 -10.81 9.67 -27.60
N ASP D 278 -9.49 9.74 -27.77
CA ASP D 278 -8.88 9.20 -28.97
C ASP D 278 -8.56 7.70 -28.88
N TYR D 279 -8.81 7.10 -27.72
CA TYR D 279 -8.54 5.67 -27.53
C TYR D 279 -9.66 4.77 -28.03
N GLU D 280 -9.29 3.57 -28.47
CA GLU D 280 -10.26 2.59 -28.93
C GLU D 280 -10.71 1.82 -27.68
N PRO D 281 -11.97 1.37 -27.66
CA PRO D 281 -12.48 0.62 -26.51
C PRO D 281 -11.91 -0.80 -26.37
N LEU D 282 -11.85 -1.25 -25.13
CA LEU D 282 -11.38 -2.61 -24.86
C LEU D 282 -12.66 -3.46 -24.88
N SER D 283 -12.53 -4.73 -25.19
CA SER D 283 -13.69 -5.62 -25.25
C SER D 283 -13.46 -6.92 -24.50
N TRP D 284 -14.54 -7.44 -23.89
CA TRP D 284 -14.48 -8.69 -23.15
C TRP D 284 -15.51 -9.64 -23.73
N THR D 285 -15.07 -10.84 -24.12
CA THR D 285 -15.98 -11.82 -24.66
C THR D 285 -17.00 -12.15 -23.59
N TYR D 286 -18.23 -12.42 -24.01
CA TYR D 286 -19.29 -12.76 -23.07
C TYR D 286 -18.90 -13.99 -22.24
N ASP D 287 -18.31 -14.96 -22.92
CA ASP D 287 -17.89 -16.20 -22.27
C ASP D 287 -16.76 -16.00 -21.27
N ASN D 288 -16.27 -14.76 -21.18
CA ASN D 288 -15.21 -14.45 -20.24
C ASN D 288 -15.68 -13.32 -19.34
N PHE D 289 -16.98 -13.25 -19.14
CA PHE D 289 -17.58 -12.21 -18.30
C PHE D 289 -16.95 -12.29 -16.90
FE FE E . 6.04 17.42 -10.90
FE FE F . 15.63 2.08 14.63
C1 M3P G . 17.90 0.63 11.78
C2 M3P G . 16.47 1.47 12.17
C3 M3P G . 21.01 4.85 12.74
C4 M3P G . 20.67 3.26 12.14
C5 M3P G . 19.51 2.69 12.45
C6 M3P G . 19.14 1.10 11.88
C M3P G . 22.46 5.22 13.12
O1 M3P G . 17.66 -0.68 11.32
O2 M3P G . 15.24 0.76 11.99
O3 M3P G . 16.46 2.62 12.55
O4 M3P G . 20.10 5.65 12.85
FE FE H . -3.09 -20.25 6.58
C1 M3P I . -6.57 -18.99 9.25
C2 M3P I . -5.76 -20.13 8.29
C3 M3P I . -10.90 -21.55 8.94
C4 M3P I . -9.58 -20.64 9.54
C5 M3P I . -9.15 -19.70 8.79
C6 M3P I . -7.85 -18.79 9.46
C M3P I . -12.29 -20.89 8.84
O1 M3P I . -5.67 -18.14 9.90
O2 M3P I . -4.35 -20.06 8.28
O3 M3P I . -6.34 -20.94 7.62
O4 M3P I . -10.74 -22.71 8.63
FE FE J . -18.69 0.27 -10.39
C1 M3P K . -16.98 -2.66 -13.26
C2 M3P K . -17.81 -1.58 -12.25
C3 M3P K . -21.10 -6.17 -13.59
C4 M3P K . -19.45 -5.61 -13.80
C5 M3P K . -19.13 -4.33 -13.60
C6 M3P K . -17.50 -3.77 -13.82
C M3P K . -22.20 -5.67 -14.53
O1 M3P K . -15.64 -2.26 -13.49
O2 M3P K . -17.06 -0.47 -11.77
O3 M3P K . -18.97 -1.72 -11.94
O4 M3P K . -21.37 -6.97 -12.70
#